data_5UNA
#
_entry.id   5UNA
#
_cell.length_a   183.240
_cell.length_b   183.240
_cell.length_c   151.390
_cell.angle_alpha   90.000
_cell.angle_beta   90.000
_cell.angle_gamma   120.000
#
_symmetry.space_group_name_H-M   'H 3'
#
loop_
_entity.id
_entity.type
_entity.pdbx_description
1 polymer '7SK snRNA methylphosphate capping enzyme'
2 polymer 'unidentified peptide section/fragment'
3 non-polymer S-ADENOSYL-L-HOMOCYSTEINE
#
loop_
_entity_poly.entity_id
_entity_poly.type
_entity_poly.pdbx_seq_one_letter_code
_entity_poly.pdbx_strand_id
1 'polypeptide(L)'
;GSPLPAAGFKKQQRKFQYGNYCKYYGYRNPSCEDGRLRVLKPEWFRGRDVLDLGCNVGHLTLSIACKWGPSR(MSE)VGL
DIDSRLIHSARQNIRHYLSEELRLPPQTLEGDPGAEGEEGTTTVRKRSCFPASLTASRGPIAAPQVPLDGADTSVFPNNV
VFVTGNYVLDRDDLVEAQTPEYDVVLCLSLTKWVHLNWGDEGLKR(MSE)FRRIYRHLRPGGILVLEPQPWSSYGKRKTL
TETIYKNYYRIQLKPEQFSSYLTSPDVGFSSYELVATPHNTSKGFQRPVYLFHKARSPSH
;
A,B,C,D,E,F
2 'polypeptide(L)' (UNK)(UNK)(UNK)(UNK)(UNK)(UNK) M,N,O,Q,R
#
# COMPACT_ATOMS: atom_id res chain seq x y z
N PHE A 16 -39.66 -20.97 12.70
CA PHE A 16 -39.30 -21.73 11.51
C PHE A 16 -40.45 -21.79 10.51
N GLN A 17 -41.11 -20.64 10.30
CA GLN A 17 -42.29 -20.46 9.45
C GLN A 17 -42.01 -20.61 7.96
N TYR A 18 -40.75 -20.48 7.57
CA TYR A 18 -40.33 -20.63 6.18
C TYR A 18 -39.74 -22.01 5.96
N GLY A 19 -39.79 -22.84 7.00
CA GLY A 19 -39.23 -24.19 7.01
C GLY A 19 -37.73 -24.06 7.18
N ASN A 20 -37.34 -22.95 7.79
CA ASN A 20 -35.97 -22.49 7.95
C ASN A 20 -35.24 -23.00 9.18
N TYR A 21 -35.14 -24.30 9.32
CA TYR A 21 -34.29 -24.91 10.35
C TYR A 21 -33.27 -25.76 9.60
N CYS A 22 -32.17 -26.11 10.26
CA CYS A 22 -31.08 -26.87 9.66
C CYS A 22 -31.44 -28.31 9.34
N LYS A 23 -31.60 -28.60 8.02
CA LYS A 23 -32.00 -29.86 7.44
C LYS A 23 -30.86 -30.66 6.83
N TYR A 24 -30.62 -31.88 7.33
CA TYR A 24 -29.62 -32.81 6.82
C TYR A 24 -30.39 -34.11 6.43
N TYR A 25 -30.12 -34.71 5.23
CA TYR A 25 -30.82 -35.95 4.78
C TYR A 25 -29.96 -37.23 4.90
N ASP A 34 -26.09 -37.17 0.04
CA ASP A 34 -27.54 -36.97 -0.03
C ASP A 34 -28.17 -37.84 -1.11
N GLY A 35 -29.20 -38.60 -0.74
CA GLY A 35 -29.94 -39.52 -1.59
C GLY A 35 -30.48 -38.94 -2.89
N ARG A 36 -30.72 -37.61 -2.91
CA ARG A 36 -31.20 -36.87 -4.08
C ARG A 36 -30.22 -36.86 -5.27
N LEU A 37 -28.90 -37.06 -5.03
CA LEU A 37 -27.90 -37.14 -6.09
C LEU A 37 -28.05 -38.40 -6.96
N ARG A 38 -28.75 -39.43 -6.43
CA ARG A 38 -29.03 -40.67 -7.15
C ARG A 38 -30.17 -40.44 -8.17
N VAL A 39 -31.08 -39.47 -7.89
CA VAL A 39 -32.19 -39.10 -8.77
C VAL A 39 -31.79 -37.96 -9.75
N LEU A 40 -30.92 -37.03 -9.32
CA LEU A 40 -30.46 -35.95 -10.20
C LEU A 40 -29.37 -36.46 -11.14
N LYS A 41 -29.40 -36.00 -12.39
CA LYS A 41 -28.44 -36.44 -13.41
C LYS A 41 -27.27 -35.45 -13.54
N PRO A 42 -25.99 -35.94 -13.51
CA PRO A 42 -24.84 -35.02 -13.60
C PRO A 42 -24.83 -34.12 -14.83
N GLU A 43 -25.23 -34.66 -16.00
CA GLU A 43 -25.32 -33.96 -17.30
C GLU A 43 -26.16 -32.65 -17.25
N TRP A 44 -27.12 -32.57 -16.32
CA TRP A 44 -27.95 -31.39 -16.15
C TRP A 44 -27.12 -30.21 -15.62
N PHE A 45 -26.05 -30.50 -14.84
CA PHE A 45 -25.21 -29.55 -14.10
C PHE A 45 -23.82 -29.24 -14.66
N ARG A 46 -23.06 -30.25 -15.20
CA ARG A 46 -21.69 -30.09 -15.74
C ARG A 46 -21.55 -28.92 -16.71
N GLY A 47 -20.73 -27.95 -16.35
CA GLY A 47 -20.47 -26.76 -17.15
C GLY A 47 -21.61 -25.78 -17.34
N ARG A 48 -22.68 -25.94 -16.52
CA ARG A 48 -23.89 -25.09 -16.54
C ARG A 48 -23.90 -24.12 -15.34
N ASP A 49 -24.72 -23.06 -15.43
CA ASP A 49 -24.97 -22.07 -14.35
C ASP A 49 -26.24 -22.52 -13.62
N VAL A 50 -26.10 -22.76 -12.32
CA VAL A 50 -27.14 -23.29 -11.46
C VAL A 50 -27.51 -22.31 -10.33
N LEU A 51 -28.83 -22.18 -10.05
CA LEU A 51 -29.37 -21.39 -8.93
C LEU A 51 -30.15 -22.37 -8.04
N ASP A 52 -29.76 -22.52 -6.76
CA ASP A 52 -30.43 -23.42 -5.82
C ASP A 52 -31.29 -22.62 -4.84
N LEU A 53 -32.61 -22.57 -5.13
CA LEU A 53 -33.61 -21.82 -4.34
C LEU A 53 -33.90 -22.51 -3.03
N GLY A 54 -33.82 -21.75 -1.92
CA GLY A 54 -34.01 -22.28 -0.56
C GLY A 54 -32.97 -23.34 -0.26
N CYS A 55 -31.68 -23.02 -0.47
CA CYS A 55 -30.55 -23.94 -0.35
C CYS A 55 -30.37 -24.51 1.05
N ASN A 56 -30.98 -23.86 2.07
CA ASN A 56 -30.83 -24.25 3.47
C ASN A 56 -29.35 -24.15 3.92
N VAL A 57 -28.76 -25.19 4.52
CA VAL A 57 -27.35 -25.26 4.97
C VAL A 57 -26.42 -25.60 3.81
N GLY A 58 -27.01 -25.72 2.61
CA GLY A 58 -26.35 -25.92 1.33
C GLY A 58 -25.60 -27.22 1.09
N HIS A 59 -25.99 -28.33 1.76
CA HIS A 59 -25.33 -29.63 1.56
C HIS A 59 -25.42 -30.09 0.10
N LEU A 60 -26.60 -29.90 -0.54
CA LEU A 60 -26.82 -30.23 -1.95
C LEU A 60 -26.09 -29.29 -2.86
N THR A 61 -26.08 -27.98 -2.53
CA THR A 61 -25.39 -26.93 -3.30
C THR A 61 -23.93 -27.31 -3.43
N LEU A 62 -23.29 -27.68 -2.31
CA LEU A 62 -21.89 -28.06 -2.20
C LEU A 62 -21.60 -29.40 -2.84
N SER A 63 -22.52 -30.36 -2.72
CA SER A 63 -22.35 -31.68 -3.33
C SER A 63 -22.34 -31.57 -4.84
N ILE A 64 -23.31 -30.83 -5.42
CA ILE A 64 -23.39 -30.62 -6.87
C ILE A 64 -22.20 -29.84 -7.35
N ALA A 65 -21.88 -28.71 -6.68
CA ALA A 65 -20.78 -27.81 -7.03
C ALA A 65 -19.46 -28.54 -7.09
N CYS A 66 -19.22 -29.43 -6.12
CA CYS A 66 -18.03 -30.25 -5.99
C CYS A 66 -18.00 -31.41 -6.99
N LYS A 67 -18.91 -32.38 -6.82
CA LYS A 67 -18.97 -33.61 -7.61
C LYS A 67 -19.23 -33.42 -9.09
N TRP A 68 -20.10 -32.49 -9.50
CA TRP A 68 -20.54 -32.43 -10.90
C TRP A 68 -20.10 -31.22 -11.71
N GLY A 69 -19.16 -30.45 -11.20
CA GLY A 69 -18.58 -29.31 -11.89
C GLY A 69 -19.48 -28.30 -12.60
N PRO A 70 -20.46 -27.63 -11.96
CA PRO A 70 -21.18 -26.58 -12.69
C PRO A 70 -20.22 -25.39 -12.89
N SER A 71 -20.39 -24.64 -13.98
CA SER A 71 -19.59 -23.45 -14.22
C SER A 71 -19.81 -22.34 -13.15
N ARG A 72 -21.01 -22.20 -12.63
CA ARG A 72 -21.42 -21.28 -11.56
C ARG A 72 -22.56 -21.94 -10.80
N VAL A 74 -25.03 -20.91 -7.37
CA VAL A 74 -25.49 -19.95 -6.38
C VAL A 74 -26.52 -20.57 -5.51
N GLY A 75 -26.31 -20.51 -4.20
CA GLY A 75 -27.28 -20.98 -3.24
C GLY A 75 -27.96 -19.80 -2.59
N LEU A 76 -29.30 -19.72 -2.70
CA LEU A 76 -30.11 -18.64 -2.12
C LEU A 76 -31.06 -19.13 -1.02
N ASP A 77 -31.15 -18.38 0.10
CA ASP A 77 -32.07 -18.69 1.19
C ASP A 77 -32.46 -17.38 1.84
N ILE A 78 -33.68 -17.31 2.39
CA ILE A 78 -34.25 -16.15 3.10
C ILE A 78 -33.55 -15.92 4.46
N ASP A 79 -33.15 -17.01 5.13
CA ASP A 79 -32.52 -17.06 6.44
C ASP A 79 -30.99 -17.00 6.41
N SER A 80 -30.44 -15.90 6.94
CA SER A 80 -28.99 -15.66 6.98
C SER A 80 -28.23 -16.61 7.94
N ARG A 81 -28.92 -17.19 8.92
CA ARG A 81 -28.28 -18.11 9.85
C ARG A 81 -27.93 -19.42 9.09
N LEU A 82 -28.75 -19.80 8.07
CA LEU A 82 -28.52 -21.00 7.26
C LEU A 82 -27.38 -20.76 6.29
N ILE A 83 -27.32 -19.54 5.70
CA ILE A 83 -26.26 -19.02 4.80
C ILE A 83 -24.89 -18.96 5.53
N HIS A 84 -24.86 -18.51 6.79
CA HIS A 84 -23.61 -18.49 7.55
C HIS A 84 -23.08 -19.92 7.68
N SER A 85 -23.93 -20.82 8.11
CA SER A 85 -23.64 -22.24 8.29
C SER A 85 -23.17 -22.85 6.97
N ALA A 86 -23.84 -22.50 5.85
CA ALA A 86 -23.52 -22.99 4.50
C ALA A 86 -22.12 -22.60 4.07
N ARG A 87 -21.70 -21.38 4.42
CA ARG A 87 -20.39 -20.79 4.11
C ARG A 87 -19.31 -21.45 4.94
N GLN A 88 -19.63 -21.80 6.20
CA GLN A 88 -18.71 -22.49 7.12
C GLN A 88 -18.54 -23.95 6.71
N ASN A 89 -19.54 -24.52 6.03
CA ASN A 89 -19.50 -25.91 5.57
C ASN A 89 -18.56 -26.14 4.40
N ILE A 90 -18.13 -25.07 3.69
CA ILE A 90 -17.22 -25.19 2.54
C ILE A 90 -15.90 -25.92 2.95
N ARG A 91 -15.35 -25.62 4.15
CA ARG A 91 -14.16 -26.25 4.74
C ARG A 91 -14.29 -27.80 4.84
N HIS A 92 -15.48 -28.33 5.18
CA HIS A 92 -15.73 -29.78 5.29
C HIS A 92 -15.71 -30.50 3.93
N TYR A 93 -15.91 -29.75 2.84
CA TYR A 93 -15.88 -30.31 1.50
C TYR A 93 -14.47 -30.27 0.91
N LEU A 94 -13.53 -29.58 1.60
CA LEU A 94 -12.14 -29.47 1.17
C LEU A 94 -11.24 -30.42 1.97
N VAL A 142 -8.80 -28.90 -8.22
CA VAL A 142 -8.43 -27.69 -7.50
C VAL A 142 -8.32 -26.47 -8.42
N PRO A 143 -8.90 -25.30 -8.02
CA PRO A 143 -8.77 -24.08 -8.84
C PRO A 143 -7.32 -23.59 -8.85
N LEU A 144 -6.89 -22.95 -9.94
CA LEU A 144 -5.53 -22.48 -10.08
C LEU A 144 -5.19 -21.33 -9.14
N ASP A 145 -6.20 -20.49 -8.84
CA ASP A 145 -6.12 -19.28 -8.01
C ASP A 145 -7.50 -18.63 -8.03
N GLY A 146 -7.61 -17.42 -7.48
CA GLY A 146 -8.86 -16.66 -7.39
C GLY A 146 -9.42 -16.23 -8.73
N ALA A 147 -8.57 -16.14 -9.76
CA ALA A 147 -8.99 -15.81 -11.15
C ALA A 147 -9.62 -17.00 -11.84
N ASP A 148 -9.49 -18.20 -11.26
CA ASP A 148 -10.09 -19.44 -11.75
C ASP A 148 -11.31 -19.77 -10.92
N THR A 149 -12.49 -19.44 -11.42
CA THR A 149 -13.77 -19.71 -10.73
C THR A 149 -14.55 -20.88 -11.38
N SER A 150 -13.86 -21.72 -12.10
CA SER A 150 -14.47 -22.82 -12.84
C SER A 150 -14.58 -24.13 -12.04
N VAL A 151 -13.77 -24.28 -10.98
CA VAL A 151 -13.66 -25.48 -10.17
C VAL A 151 -13.99 -25.14 -8.72
N PHE A 152 -14.55 -26.12 -8.00
CA PHE A 152 -14.89 -26.04 -6.58
C PHE A 152 -13.60 -25.75 -5.77
N PRO A 153 -13.60 -24.87 -4.76
CA PRO A 153 -14.73 -24.13 -4.17
C PRO A 153 -15.01 -22.75 -4.79
N ASN A 154 -14.28 -22.41 -5.86
CA ASN A 154 -14.39 -21.11 -6.53
C ASN A 154 -15.60 -20.93 -7.46
N ASN A 155 -16.41 -21.97 -7.66
CA ASN A 155 -17.60 -21.90 -8.51
C ASN A 155 -18.93 -21.77 -7.69
N VAL A 156 -18.84 -21.71 -6.36
CA VAL A 156 -20.00 -21.62 -5.50
C VAL A 156 -19.98 -20.36 -4.58
N VAL A 157 -21.16 -19.72 -4.38
CA VAL A 157 -21.44 -18.57 -3.52
C VAL A 157 -22.82 -18.76 -2.94
N PHE A 158 -23.06 -18.20 -1.75
CA PHE A 158 -24.30 -18.21 -1.01
C PHE A 158 -24.79 -16.79 -0.85
N VAL A 159 -26.12 -16.59 -0.96
CA VAL A 159 -26.74 -15.26 -0.86
C VAL A 159 -28.00 -15.37 -0.04
N THR A 160 -28.23 -14.40 0.84
CA THR A 160 -29.42 -14.26 1.68
C THR A 160 -30.42 -13.42 0.90
N GLY A 161 -31.65 -13.89 0.81
CA GLY A 161 -32.66 -13.13 0.11
C GLY A 161 -33.97 -13.84 -0.04
N ASN A 162 -35.01 -13.05 -0.27
CA ASN A 162 -36.33 -13.58 -0.52
C ASN A 162 -36.50 -13.56 -2.04
N TYR A 163 -36.65 -14.75 -2.65
CA TYR A 163 -36.81 -14.86 -4.10
C TYR A 163 -38.14 -14.31 -4.59
N VAL A 164 -39.11 -14.24 -3.67
CA VAL A 164 -40.46 -13.71 -3.96
C VAL A 164 -40.45 -12.19 -4.02
N LEU A 165 -40.66 -11.65 -5.23
CA LEU A 165 -40.75 -10.20 -5.45
C LEU A 165 -42.18 -9.75 -5.12
N ASP A 166 -42.35 -8.48 -4.67
CA ASP A 166 -43.63 -7.93 -4.21
C ASP A 166 -44.70 -7.74 -5.29
N ARG A 167 -44.31 -7.26 -6.48
CA ARG A 167 -45.22 -6.96 -7.59
C ARG A 167 -44.85 -7.69 -8.88
N ASP A 168 -45.82 -7.79 -9.80
CA ASP A 168 -45.68 -8.43 -11.12
C ASP A 168 -44.75 -7.64 -12.05
N ASP A 169 -44.69 -6.29 -11.90
CA ASP A 169 -43.81 -5.44 -12.72
C ASP A 169 -42.33 -5.64 -12.39
N LEU A 170 -42.06 -6.07 -11.15
CA LEU A 170 -40.71 -6.37 -10.65
C LEU A 170 -40.27 -7.70 -11.26
N VAL A 171 -41.16 -8.71 -11.25
CA VAL A 171 -40.92 -10.04 -11.85
C VAL A 171 -40.54 -9.91 -13.34
N GLU A 172 -41.24 -9.01 -14.06
CA GLU A 172 -41.02 -8.73 -15.47
C GLU A 172 -39.71 -8.00 -15.75
N ALA A 173 -39.01 -7.49 -14.71
CA ALA A 173 -37.73 -6.81 -14.89
C ALA A 173 -36.57 -7.82 -14.89
N GLN A 174 -36.83 -9.08 -14.44
CA GLN A 174 -35.85 -10.17 -14.37
C GLN A 174 -35.38 -10.63 -15.74
N THR A 175 -34.06 -10.54 -15.99
CA THR A 175 -33.44 -10.95 -17.24
C THR A 175 -32.74 -12.31 -17.01
N PRO A 176 -32.54 -13.15 -18.06
CA PRO A 176 -31.92 -14.47 -17.85
C PRO A 176 -30.48 -14.48 -17.35
N GLU A 177 -30.17 -15.47 -16.48
CA GLU A 177 -28.81 -15.66 -15.92
C GLU A 177 -28.50 -17.16 -15.66
N TYR A 178 -29.51 -18.06 -15.58
CA TYR A 178 -29.19 -19.44 -15.22
C TYR A 178 -29.62 -20.44 -16.27
N ASP A 179 -29.01 -21.63 -16.23
CA ASP A 179 -29.30 -22.75 -17.12
C ASP A 179 -30.18 -23.77 -16.38
N VAL A 180 -30.02 -23.81 -15.04
CA VAL A 180 -30.73 -24.71 -14.13
C VAL A 180 -31.15 -23.93 -12.89
N VAL A 181 -32.41 -24.10 -12.47
CA VAL A 181 -32.93 -23.58 -11.22
C VAL A 181 -33.47 -24.81 -10.45
N LEU A 182 -32.99 -25.02 -9.23
CA LEU A 182 -33.42 -26.09 -8.35
C LEU A 182 -34.41 -25.47 -7.38
N CYS A 183 -35.64 -25.98 -7.35
CA CYS A 183 -36.73 -25.54 -6.47
C CYS A 183 -37.27 -26.80 -5.81
N LEU A 184 -36.54 -27.28 -4.80
CA LEU A 184 -36.79 -28.53 -4.11
C LEU A 184 -37.33 -28.29 -2.71
N SER A 185 -38.57 -28.80 -2.42
CA SER A 185 -39.25 -28.69 -1.11
C SER A 185 -39.44 -27.23 -0.66
N LEU A 186 -39.67 -26.32 -1.63
CA LEU A 186 -39.80 -24.88 -1.36
C LEU A 186 -41.21 -24.35 -1.56
N THR A 187 -41.93 -24.85 -2.60
CA THR A 187 -43.28 -24.44 -3.00
C THR A 187 -44.27 -24.27 -1.83
N LYS A 188 -44.30 -25.19 -0.85
CA LYS A 188 -45.24 -25.13 0.26
C LYS A 188 -44.99 -23.90 1.14
N TRP A 189 -43.72 -23.66 1.50
CA TRP A 189 -43.28 -22.54 2.34
C TRP A 189 -43.59 -21.21 1.70
N VAL A 190 -43.39 -21.12 0.37
CA VAL A 190 -43.66 -19.91 -0.40
C VAL A 190 -45.18 -19.68 -0.49
N HIS A 191 -45.94 -20.76 -0.73
CA HIS A 191 -47.38 -20.78 -0.90
C HIS A 191 -48.10 -20.34 0.37
N LEU A 192 -47.68 -20.87 1.54
CA LEU A 192 -48.27 -20.55 2.83
C LEU A 192 -47.95 -19.15 3.32
N ASN A 193 -46.69 -18.68 3.11
CA ASN A 193 -46.25 -17.37 3.56
C ASN A 193 -46.63 -16.22 2.64
N TRP A 194 -46.71 -16.46 1.30
CA TRP A 194 -47.02 -15.41 0.32
C TRP A 194 -48.22 -15.69 -0.63
N GLY A 195 -48.96 -16.78 -0.37
CA GLY A 195 -50.15 -17.17 -1.13
C GLY A 195 -49.91 -17.56 -2.58
N ASP A 196 -51.01 -17.79 -3.33
CA ASP A 196 -51.03 -18.13 -4.77
C ASP A 196 -50.27 -17.04 -5.54
N GLU A 197 -50.58 -15.76 -5.22
CA GLU A 197 -49.99 -14.59 -5.85
C GLU A 197 -48.46 -14.61 -5.79
N GLY A 198 -47.92 -14.91 -4.61
CA GLY A 198 -46.47 -15.00 -4.37
C GLY A 198 -45.81 -16.15 -5.08
N LEU A 199 -46.47 -17.33 -5.06
CA LEU A 199 -45.97 -18.55 -5.71
C LEU A 199 -45.96 -18.39 -7.24
N LYS A 200 -46.99 -17.73 -7.80
CA LYS A 200 -47.10 -17.47 -9.23
C LYS A 200 -45.96 -16.57 -9.65
N ARG A 201 -45.62 -15.60 -8.78
CA ARG A 201 -44.50 -14.68 -8.98
C ARG A 201 -43.16 -15.39 -8.89
N PHE A 203 -42.66 -18.72 -9.62
CA PHE A 203 -42.66 -19.53 -10.83
C PHE A 203 -42.32 -18.69 -12.08
N ARG A 204 -42.96 -17.51 -12.22
CA ARG A 204 -42.73 -16.60 -13.36
C ARG A 204 -41.32 -16.04 -13.34
N ARG A 205 -40.80 -15.76 -12.13
CA ARG A 205 -39.43 -15.29 -11.96
C ARG A 205 -38.44 -16.38 -12.41
N ILE A 206 -38.63 -17.65 -11.95
CA ILE A 206 -37.77 -18.77 -12.36
C ILE A 206 -37.71 -18.82 -13.89
N TYR A 207 -38.88 -18.80 -14.57
CA TYR A 207 -38.95 -18.80 -16.03
C TYR A 207 -38.12 -17.68 -16.66
N ARG A 208 -38.33 -16.43 -16.20
CA ARG A 208 -37.61 -15.25 -16.69
C ARG A 208 -36.10 -15.26 -16.40
N HIS A 209 -35.70 -15.92 -15.27
CA HIS A 209 -34.28 -16.05 -14.85
C HIS A 209 -33.50 -17.06 -15.67
N LEU A 210 -34.21 -18.02 -16.25
CA LEU A 210 -33.62 -19.06 -17.09
C LEU A 210 -33.34 -18.57 -18.52
N ARG A 211 -32.25 -19.07 -19.06
CA ARG A 211 -31.89 -18.76 -20.42
C ARG A 211 -32.64 -19.71 -21.33
N PRO A 212 -32.84 -19.36 -22.64
CA PRO A 212 -33.50 -20.30 -23.56
C PRO A 212 -32.75 -21.64 -23.51
N GLY A 213 -33.48 -22.73 -23.37
CA GLY A 213 -32.88 -24.05 -23.25
C GLY A 213 -32.77 -24.50 -21.82
N GLY A 214 -33.09 -23.59 -20.88
CA GLY A 214 -32.97 -23.80 -19.44
C GLY A 214 -33.96 -24.79 -18.86
N ILE A 215 -33.65 -25.32 -17.67
CA ILE A 215 -34.47 -26.28 -16.94
C ILE A 215 -34.74 -25.86 -15.49
N LEU A 216 -35.95 -26.18 -15.02
CA LEU A 216 -36.37 -26.00 -13.65
C LEU A 216 -36.55 -27.40 -13.09
N VAL A 217 -35.86 -27.71 -11.97
CA VAL A 217 -35.99 -28.98 -11.27
C VAL A 217 -36.95 -28.67 -10.11
N LEU A 218 -38.16 -29.24 -10.16
CA LEU A 218 -39.19 -29.00 -9.14
C LEU A 218 -39.53 -30.25 -8.34
N GLU A 219 -39.49 -30.15 -7.01
CA GLU A 219 -39.86 -31.22 -6.07
C GLU A 219 -40.95 -30.61 -5.15
N PRO A 220 -42.23 -30.55 -5.58
CA PRO A 220 -43.25 -29.90 -4.75
C PRO A 220 -43.83 -30.78 -3.66
N GLN A 221 -44.30 -30.15 -2.56
CA GLN A 221 -44.97 -30.84 -1.44
C GLN A 221 -46.42 -31.07 -1.83
N PRO A 222 -47.03 -32.22 -1.46
CA PRO A 222 -48.46 -32.42 -1.80
C PRO A 222 -49.33 -31.54 -0.91
N TRP A 223 -50.61 -31.30 -1.31
CA TRP A 223 -51.58 -30.47 -0.57
C TRP A 223 -51.76 -31.01 0.86
N SER A 224 -51.66 -32.35 1.03
CA SER A 224 -51.75 -33.09 2.29
C SER A 224 -50.79 -32.55 3.36
N SER A 225 -49.59 -32.09 2.94
CA SER A 225 -48.52 -31.54 3.78
C SER A 225 -48.83 -30.11 4.31
N TYR A 226 -49.74 -29.38 3.65
CA TYR A 226 -50.09 -28.01 3.99
C TYR A 226 -50.83 -27.85 5.30
N GLY A 227 -51.84 -28.73 5.53
CA GLY A 227 -52.70 -28.77 6.70
C GLY A 227 -51.97 -28.73 8.03
N LYS A 228 -50.98 -29.65 8.20
CA LYS A 228 -50.14 -29.74 9.40
C LYS A 228 -49.44 -28.42 9.58
N ARG A 229 -49.62 -27.80 10.77
CA ARG A 229 -49.04 -26.52 11.17
C ARG A 229 -49.52 -25.29 10.33
N LYS A 230 -50.82 -25.30 9.93
CA LYS A 230 -51.49 -24.18 9.24
C LYS A 230 -51.76 -23.03 10.25
N THR A 231 -51.45 -23.28 11.53
CA THR A 231 -51.67 -22.38 12.65
C THR A 231 -50.35 -21.77 13.16
N LEU A 232 -49.29 -21.82 12.32
CA LEU A 232 -47.98 -21.23 12.63
C LEU A 232 -48.10 -19.72 12.76
N THR A 233 -48.68 -19.06 11.75
CA THR A 233 -48.87 -17.61 11.72
C THR A 233 -50.32 -17.32 11.32
N GLU A 234 -50.79 -16.09 11.56
CA GLU A 234 -52.14 -15.68 11.15
C GLU A 234 -52.18 -15.55 9.62
N THR A 235 -51.03 -15.15 9.02
CA THR A 235 -50.82 -15.00 7.58
C THR A 235 -50.88 -16.37 6.91
N ILE A 236 -50.19 -17.39 7.50
CA ILE A 236 -50.18 -18.77 7.01
C ILE A 236 -51.58 -19.37 7.00
N TYR A 237 -52.36 -19.09 8.08
CA TYR A 237 -53.73 -19.54 8.25
C TYR A 237 -54.67 -18.91 7.22
N LYS A 238 -54.59 -17.58 7.02
CA LYS A 238 -55.41 -16.86 6.03
C LYS A 238 -55.12 -17.37 4.61
N ASN A 239 -53.84 -17.67 4.32
CA ASN A 239 -53.40 -18.20 3.02
C ASN A 239 -53.82 -19.64 2.77
N TYR A 240 -53.75 -20.51 3.80
CA TYR A 240 -54.15 -21.91 3.65
C TYR A 240 -55.60 -22.04 3.16
N TYR A 241 -56.48 -21.12 3.60
CA TYR A 241 -57.89 -21.12 3.24
C TYR A 241 -58.20 -20.23 2.01
N ARG A 242 -57.22 -19.50 1.48
CA ARG A 242 -57.37 -18.64 0.29
C ARG A 242 -56.78 -19.25 -0.98
N ILE A 243 -55.91 -20.29 -0.87
CA ILE A 243 -55.23 -20.96 -1.99
C ILE A 243 -56.22 -21.68 -2.94
N GLN A 244 -56.05 -21.45 -4.26
CA GLN A 244 -56.85 -22.08 -5.32
C GLN A 244 -55.93 -22.87 -6.29
N LEU A 245 -54.68 -22.38 -6.50
CA LEU A 245 -53.71 -23.13 -7.32
C LEU A 245 -53.13 -24.22 -6.41
N LYS A 246 -53.57 -25.45 -6.61
CA LYS A 246 -53.18 -26.60 -5.79
C LYS A 246 -51.96 -27.30 -6.38
N PRO A 247 -51.13 -28.01 -5.55
CA PRO A 247 -49.94 -28.73 -6.09
C PRO A 247 -50.17 -29.60 -7.34
N GLU A 248 -51.32 -30.28 -7.39
CA GLU A 248 -51.77 -31.14 -8.47
C GLU A 248 -51.97 -30.39 -9.80
N GLN A 249 -52.11 -29.04 -9.74
CA GLN A 249 -52.33 -28.15 -10.87
C GLN A 249 -51.06 -27.37 -11.28
N PHE A 250 -49.94 -27.56 -10.54
CA PHE A 250 -48.67 -26.87 -10.78
C PHE A 250 -48.11 -27.11 -12.18
N SER A 251 -48.16 -28.36 -12.66
CA SER A 251 -47.62 -28.72 -13.98
C SER A 251 -48.32 -28.00 -15.12
N SER A 252 -49.66 -27.88 -15.05
CA SER A 252 -50.49 -27.20 -16.04
C SER A 252 -50.25 -25.69 -15.99
N TYR A 253 -50.05 -25.11 -14.77
CA TYR A 253 -49.83 -23.68 -14.62
C TYR A 253 -48.49 -23.26 -15.16
N LEU A 254 -47.44 -24.05 -14.86
CA LEU A 254 -46.07 -23.79 -15.30
C LEU A 254 -45.91 -23.85 -16.82
N THR A 255 -46.70 -24.71 -17.49
CA THR A 255 -46.69 -24.86 -18.94
C THR A 255 -47.73 -23.94 -19.65
N SER A 256 -48.46 -23.12 -18.87
CA SER A 256 -49.46 -22.17 -19.39
C SER A 256 -48.78 -20.86 -19.86
N PRO A 257 -49.45 -19.98 -20.67
CA PRO A 257 -48.81 -18.72 -21.10
C PRO A 257 -48.44 -17.78 -19.95
N ASP A 258 -49.07 -17.96 -18.77
CA ASP A 258 -48.83 -17.17 -17.56
C ASP A 258 -47.38 -17.26 -17.10
N VAL A 259 -46.78 -18.47 -17.21
CA VAL A 259 -45.39 -18.79 -16.87
C VAL A 259 -44.59 -18.91 -18.20
N GLY A 260 -44.86 -19.95 -19.01
CA GLY A 260 -44.23 -20.10 -20.31
C GLY A 260 -43.46 -21.36 -20.64
N PHE A 261 -43.26 -22.30 -19.67
CA PHE A 261 -42.51 -23.55 -19.92
C PHE A 261 -43.10 -24.39 -21.07
N SER A 262 -42.23 -24.75 -22.03
CA SER A 262 -42.59 -25.50 -23.25
C SER A 262 -43.05 -26.93 -23.01
N SER A 263 -42.44 -27.62 -22.04
CA SER A 263 -42.71 -29.03 -21.73
C SER A 263 -42.31 -29.37 -20.30
N TYR A 264 -42.73 -30.56 -19.83
CA TYR A 264 -42.36 -31.07 -18.51
C TYR A 264 -42.24 -32.60 -18.51
N GLU A 265 -41.54 -33.16 -17.52
CA GLU A 265 -41.37 -34.60 -17.38
C GLU A 265 -41.16 -35.00 -15.93
N LEU A 266 -41.51 -36.25 -15.59
CA LEU A 266 -41.33 -36.79 -14.25
C LEU A 266 -40.02 -37.57 -14.23
N VAL A 267 -39.21 -37.37 -13.17
CA VAL A 267 -37.92 -38.03 -12.99
C VAL A 267 -38.10 -39.27 -12.08
N ALA A 268 -37.73 -40.47 -12.57
N ARG A 279 -40.85 -37.55 -2.18
CA ARG A 279 -41.71 -36.73 -3.03
C ARG A 279 -41.30 -36.86 -4.52
N PRO A 280 -42.25 -36.69 -5.48
CA PRO A 280 -41.87 -36.77 -6.90
C PRO A 280 -41.10 -35.54 -7.38
N VAL A 281 -40.19 -35.77 -8.35
CA VAL A 281 -39.34 -34.73 -8.93
C VAL A 281 -39.67 -34.56 -10.42
N TYR A 282 -39.79 -33.31 -10.86
CA TYR A 282 -40.16 -32.94 -12.22
C TYR A 282 -39.12 -32.03 -12.86
N LEU A 283 -39.06 -32.05 -14.20
CA LEU A 283 -38.18 -31.18 -14.99
C LEU A 283 -39.09 -30.36 -15.91
N PHE A 284 -38.96 -29.03 -15.87
CA PHE A 284 -39.71 -28.09 -16.71
C PHE A 284 -38.71 -27.47 -17.69
N HIS A 285 -39.05 -27.54 -18.99
CA HIS A 285 -38.15 -27.04 -20.03
C HIS A 285 -38.53 -25.71 -20.64
N LYS A 286 -37.53 -24.82 -20.82
CA LYS A 286 -37.65 -23.52 -21.48
C LYS A 286 -37.12 -23.69 -22.93
N ALA A 287 -37.94 -23.32 -23.93
CA ALA A 287 -37.65 -23.42 -25.36
C ALA A 287 -36.34 -22.75 -25.74
N ARG A 288 -35.59 -23.37 -26.69
CA ARG A 288 -34.28 -22.90 -27.17
C ARG A 288 -34.40 -21.71 -28.11
N PHE B 16 -23.45 -15.58 16.28
CA PHE B 16 -23.01 -16.96 16.55
C PHE B 16 -21.83 -16.94 17.52
N GLN B 17 -21.96 -16.16 18.60
CA GLN B 17 -20.94 -15.92 19.61
C GLN B 17 -20.61 -17.12 20.46
N TYR B 18 -21.55 -18.04 20.57
CA TYR B 18 -21.39 -19.30 21.32
C TYR B 18 -20.93 -20.41 20.35
N GLY B 19 -20.62 -20.04 19.10
CA GLY B 19 -20.27 -20.96 18.03
C GLY B 19 -21.51 -21.76 17.64
N ASN B 20 -22.66 -21.15 17.90
CA ASN B 20 -24.01 -21.68 17.71
C ASN B 20 -24.59 -21.57 16.30
N TYR B 21 -23.90 -22.15 15.35
CA TYR B 21 -24.43 -22.28 14.00
C TYR B 21 -24.45 -23.79 13.74
N CYS B 22 -25.17 -24.21 12.71
CA CYS B 22 -25.32 -25.62 12.39
C CYS B 22 -24.06 -26.23 11.76
N LYS B 23 -23.40 -27.12 12.54
CA LYS B 23 -22.15 -27.77 12.19
C LYS B 23 -22.33 -29.22 11.75
N TYR B 24 -21.96 -29.54 10.47
CA TYR B 24 -22.04 -30.85 9.82
CA ASP B 34 -19.17 -38.56 12.04
C ASP B 34 -17.91 -39.36 12.34
N GLY B 35 -16.79 -38.90 11.80
CA GLY B 35 -15.47 -39.53 11.96
C GLY B 35 -14.99 -39.67 13.39
N ARG B 36 -15.64 -38.96 14.31
CA ARG B 36 -15.37 -38.98 15.75
C ARG B 36 -15.70 -40.32 16.43
N LEU B 37 -16.59 -41.12 15.80
CA LEU B 37 -16.94 -42.45 16.29
C LEU B 37 -15.79 -43.46 16.15
N ARG B 38 -14.81 -43.15 15.29
CA ARG B 38 -13.61 -43.96 15.10
C ARG B 38 -12.63 -43.73 16.27
N VAL B 39 -12.68 -42.54 16.91
CA VAL B 39 -11.84 -42.21 18.07
C VAL B 39 -12.52 -42.58 19.39
N LEU B 40 -13.86 -42.43 19.48
CA LEU B 40 -14.59 -42.81 20.69
C LEU B 40 -14.74 -44.34 20.77
N LYS B 41 -14.67 -44.91 21.99
CA LYS B 41 -14.80 -46.36 22.21
C LYS B 41 -16.22 -46.73 22.64
N PRO B 42 -16.87 -47.74 21.98
CA PRO B 42 -18.25 -48.10 22.33
C PRO B 42 -18.49 -48.47 23.80
N GLU B 43 -17.54 -49.18 24.41
CA GLU B 43 -17.53 -49.62 25.82
C GLU B 43 -17.73 -48.47 26.82
N TRP B 44 -17.36 -47.25 26.44
CA TRP B 44 -17.54 -46.06 27.28
C TRP B 44 -19.03 -45.72 27.43
N PHE B 45 -19.84 -46.06 26.40
CA PHE B 45 -21.23 -45.68 26.27
C PHE B 45 -22.31 -46.75 26.51
N ARG B 46 -22.09 -48.04 26.06
CA ARG B 46 -23.05 -49.14 26.20
C ARG B 46 -23.62 -49.29 27.62
N GLY B 47 -24.94 -49.13 27.76
CA GLY B 47 -25.66 -49.23 29.03
C GLY B 47 -25.37 -48.16 30.06
N ARG B 48 -24.68 -47.07 29.65
CA ARG B 48 -24.32 -45.93 30.50
C ARG B 48 -25.25 -44.72 30.24
N ASP B 49 -25.28 -43.76 31.20
CA ASP B 49 -26.03 -42.50 31.10
C ASP B 49 -25.04 -41.43 30.63
N VAL B 50 -25.37 -40.81 29.49
CA VAL B 50 -24.53 -39.86 28.78
C VAL B 50 -25.16 -38.48 28.68
N LEU B 51 -24.31 -37.43 28.83
CA LEU B 51 -24.71 -36.03 28.67
C LEU B 51 -23.78 -35.40 27.63
N ASP B 52 -24.35 -34.95 26.50
CA ASP B 52 -23.58 -34.35 25.42
C ASP B 52 -23.72 -32.83 25.48
N LEU B 53 -22.69 -32.16 26.06
CA LEU B 53 -22.62 -30.71 26.23
C LEU B 53 -22.37 -30.01 24.92
N GLY B 54 -23.22 -29.03 24.59
CA GLY B 54 -23.14 -28.31 23.31
C GLY B 54 -23.34 -29.26 22.15
N CYS B 55 -24.43 -30.01 22.17
CA CYS B 55 -24.75 -31.05 21.20
C CYS B 55 -24.96 -30.54 19.79
N ASN B 56 -25.27 -29.23 19.64
CA ASN B 56 -25.51 -28.59 18.35
C ASN B 56 -26.75 -29.25 17.69
N VAL B 57 -26.68 -29.64 16.42
CA VAL B 57 -27.75 -30.32 15.66
C VAL B 57 -27.89 -31.81 16.03
N GLY B 58 -27.05 -32.25 16.97
CA GLY B 58 -27.06 -33.56 17.59
C GLY B 58 -26.73 -34.77 16.75
N HIS B 59 -26.00 -34.63 15.62
CA HIS B 59 -25.61 -35.79 14.79
C HIS B 59 -24.83 -36.85 15.58
N LEU B 60 -23.89 -36.41 16.45
CA LEU B 60 -23.14 -37.32 17.31
C LEU B 60 -24.00 -37.93 18.40
N THR B 61 -24.92 -37.13 18.99
CA THR B 61 -25.84 -37.54 20.04
C THR B 61 -26.63 -38.73 19.53
N LEU B 62 -27.18 -38.59 18.31
CA LEU B 62 -28.00 -39.58 17.62
C LEU B 62 -27.19 -40.79 17.20
N SER B 63 -25.97 -40.58 16.73
CA SER B 63 -25.09 -41.68 16.32
C SER B 63 -24.71 -42.56 17.50
N ILE B 64 -24.30 -41.95 18.64
CA ILE B 64 -23.95 -42.73 19.82
C ILE B 64 -25.17 -43.44 20.38
N ALA B 65 -26.28 -42.71 20.53
CA ALA B 65 -27.55 -43.22 21.05
C ALA B 65 -28.04 -44.42 20.27
N CYS B 66 -27.92 -44.37 18.94
CA CYS B 66 -28.31 -45.40 18.02
C CYS B 66 -27.33 -46.58 18.01
N LYS B 67 -26.10 -46.35 17.51
CA LYS B 67 -25.07 -47.37 17.33
C LYS B 67 -24.58 -48.05 18.59
N TRP B 68 -24.42 -47.33 19.71
CA TRP B 68 -23.77 -47.90 20.89
C TRP B 68 -24.62 -48.15 22.14
N GLY B 69 -25.94 -48.07 22.00
CA GLY B 69 -26.88 -48.33 23.08
C GLY B 69 -26.65 -47.74 24.47
N PRO B 70 -26.51 -46.41 24.68
CA PRO B 70 -26.45 -45.91 26.07
C PRO B 70 -27.85 -46.07 26.71
N SER B 71 -27.89 -46.32 28.03
CA SER B 71 -29.16 -46.41 28.74
C SER B 71 -29.99 -45.08 28.72
N ARG B 72 -29.28 -43.93 28.71
CA ARG B 72 -29.88 -42.59 28.61
C ARG B 72 -28.85 -41.71 27.93
N VAL B 74 -28.62 -37.55 26.77
CA VAL B 74 -29.16 -36.18 26.83
C VAL B 74 -28.25 -35.23 26.09
N GLY B 75 -28.79 -34.56 25.09
CA GLY B 75 -28.10 -33.54 24.33
C GLY B 75 -28.50 -32.16 24.84
N LEU B 76 -27.53 -31.35 25.31
CA LEU B 76 -27.77 -30.00 25.81
C LEU B 76 -27.10 -28.92 24.95
N ASP B 77 -27.83 -27.83 24.67
CA ASP B 77 -27.33 -26.69 23.91
C ASP B 77 -28.02 -25.42 24.37
N ILE B 78 -27.26 -24.29 24.37
CA ILE B 78 -27.71 -22.95 24.75
C ILE B 78 -28.76 -22.40 23.76
N ASP B 79 -28.63 -22.79 22.48
CA ASP B 79 -29.42 -22.29 21.36
C ASP B 79 -30.57 -23.21 21.02
N SER B 80 -31.79 -22.72 21.19
CA SER B 80 -33.01 -23.47 20.94
C SER B 80 -33.26 -23.76 19.45
N ARG B 81 -32.66 -22.97 18.53
CA ARG B 81 -32.82 -23.21 17.09
C ARG B 81 -32.06 -24.48 16.71
N LEU B 82 -30.96 -24.76 17.42
CA LEU B 82 -30.14 -25.96 17.21
C LEU B 82 -30.87 -27.20 17.78
N ILE B 83 -31.47 -27.04 18.96
CA ILE B 83 -32.23 -28.09 19.66
C ILE B 83 -33.48 -28.47 18.84
N HIS B 84 -34.13 -27.49 18.17
CA HIS B 84 -35.29 -27.77 17.31
C HIS B 84 -34.85 -28.66 16.18
N SER B 85 -33.79 -28.26 15.46
CA SER B 85 -33.23 -29.00 14.34
C SER B 85 -32.82 -30.41 14.77
N ALA B 86 -32.20 -30.57 15.95
CA ALA B 86 -31.81 -31.86 16.54
C ALA B 86 -33.01 -32.80 16.68
N ARG B 87 -34.13 -32.25 17.19
CA ARG B 87 -35.39 -32.98 17.42
C ARG B 87 -36.01 -33.42 16.12
N GLN B 88 -35.91 -32.56 15.07
CA GLN B 88 -36.42 -32.83 13.72
C GLN B 88 -35.55 -33.87 13.04
N ASN B 89 -34.28 -33.98 13.43
CA ASN B 89 -33.35 -34.94 12.84
C ASN B 89 -33.60 -36.38 13.28
N ILE B 90 -34.32 -36.58 14.40
CA ILE B 90 -34.61 -37.93 14.90
C ILE B 90 -35.33 -38.77 13.83
N ARG B 91 -36.37 -38.18 13.18
CA ARG B 91 -37.17 -38.79 12.12
C ARG B 91 -36.35 -39.31 10.93
N HIS B 92 -35.34 -38.53 10.50
CA HIS B 92 -34.45 -38.87 9.39
C HIS B 92 -33.49 -40.02 9.72
N TYR B 93 -33.28 -40.30 11.00
CA TYR B 93 -32.40 -41.34 11.52
C TYR B 93 -33.19 -42.67 11.65
N LEU B 94 -34.55 -42.61 11.61
CA LEU B 94 -35.45 -43.74 11.73
C LEU B 94 -35.97 -44.18 10.36
N VAL B 142 -35.20 -52.06 18.03
CA VAL B 142 -36.40 -51.25 18.18
C VAL B 142 -36.98 -51.32 19.61
N PRO B 143 -37.42 -50.16 20.19
CA PRO B 143 -38.08 -50.20 21.52
C PRO B 143 -39.41 -50.94 21.44
N LEU B 144 -39.84 -51.57 22.55
CA LEU B 144 -41.09 -52.31 22.58
C LEU B 144 -42.31 -51.39 22.52
N ASP B 145 -42.18 -50.19 23.08
CA ASP B 145 -43.24 -49.16 23.18
C ASP B 145 -42.64 -47.97 23.94
N GLY B 146 -43.49 -47.01 24.32
CA GLY B 146 -43.07 -45.80 25.02
C GLY B 146 -42.55 -46.02 26.42
N ALA B 147 -42.97 -47.14 27.04
CA ALA B 147 -42.53 -47.53 28.38
C ALA B 147 -41.11 -48.14 28.32
N ASP B 148 -40.60 -48.43 27.11
CA ASP B 148 -39.26 -48.97 26.89
C ASP B 148 -38.38 -47.86 26.40
N THR B 149 -37.59 -47.25 27.32
CA THR B 149 -36.68 -46.13 26.98
C THR B 149 -35.23 -46.57 26.93
N SER B 150 -34.99 -47.88 26.76
CA SER B 150 -33.65 -48.45 26.75
C SER B 150 -32.98 -48.49 25.38
N VAL B 151 -33.76 -48.43 24.31
CA VAL B 151 -33.29 -48.52 22.92
C VAL B 151 -33.65 -47.24 22.17
N PHE B 152 -32.85 -46.92 21.16
CA PHE B 152 -33.07 -45.80 20.25
C PHE B 152 -34.39 -45.98 19.49
N PRO B 153 -35.23 -44.94 19.29
CA PRO B 153 -35.04 -43.50 19.66
C PRO B 153 -35.53 -43.07 21.04
N ASN B 154 -35.97 -44.05 21.84
CA ASN B 154 -36.53 -43.80 23.15
C ASN B 154 -35.53 -43.51 24.27
N ASN B 155 -34.20 -43.59 23.99
CA ASN B 155 -33.15 -43.33 25.00
C ASN B 155 -32.51 -41.94 24.84
N VAL B 156 -33.01 -41.11 23.92
CA VAL B 156 -32.45 -39.80 23.65
C VAL B 156 -33.48 -38.67 23.82
N VAL B 157 -33.07 -37.53 24.41
CA VAL B 157 -33.80 -36.27 24.60
C VAL B 157 -32.81 -35.11 24.44
N PHE B 158 -33.33 -33.95 24.03
CA PHE B 158 -32.63 -32.72 23.82
C PHE B 158 -33.20 -31.67 24.76
N VAL B 159 -32.33 -30.81 25.33
CA VAL B 159 -32.70 -29.77 26.28
C VAL B 159 -31.92 -28.52 25.91
N THR B 160 -32.59 -27.36 25.97
CA THR B 160 -31.99 -26.05 25.72
C THR B 160 -31.56 -25.54 27.11
N GLY B 161 -30.35 -25.02 27.18
CA GLY B 161 -29.88 -24.46 28.43
C GLY B 161 -28.43 -24.11 28.42
N ASN B 162 -28.07 -23.18 29.31
CA ASN B 162 -26.68 -22.77 29.51
C ASN B 162 -26.15 -23.65 30.65
N TYR B 163 -25.14 -24.48 30.36
CA TYR B 163 -24.54 -25.35 31.38
C TYR B 163 -23.76 -24.56 32.44
N VAL B 164 -23.35 -23.33 32.08
CA VAL B 164 -22.58 -22.45 32.95
C VAL B 164 -23.50 -21.73 33.96
N LEU B 165 -23.36 -22.12 35.23
CA LEU B 165 -24.10 -21.54 36.34
C LEU B 165 -23.37 -20.25 36.76
N ASP B 166 -24.10 -19.27 37.29
CA ASP B 166 -23.58 -17.94 37.66
C ASP B 166 -22.62 -17.89 38.83
N ARG B 167 -22.88 -18.68 39.89
CA ARG B 167 -22.10 -18.69 41.12
C ARG B 167 -21.61 -20.08 41.49
N ASP B 168 -20.57 -20.15 42.32
CA ASP B 168 -19.95 -21.36 42.85
C ASP B 168 -20.88 -22.13 43.80
N ASP B 169 -21.77 -21.44 44.53
CA ASP B 169 -22.71 -22.07 45.45
C ASP B 169 -23.80 -22.89 44.72
N LEU B 170 -24.11 -22.47 43.47
CA LEU B 170 -25.07 -23.12 42.57
C LEU B 170 -24.42 -24.41 42.04
N VAL B 171 -23.14 -24.33 41.60
CA VAL B 171 -22.34 -25.47 41.12
C VAL B 171 -22.30 -26.58 42.18
N GLU B 172 -22.13 -26.21 43.47
CA GLU B 172 -22.08 -27.12 44.61
C GLU B 172 -23.42 -27.76 44.94
N ALA B 173 -24.51 -27.28 44.33
CA ALA B 173 -25.84 -27.87 44.55
C ALA B 173 -26.12 -29.03 43.56
N GLN B 174 -25.27 -29.18 42.53
CA GLN B 174 -25.33 -30.25 41.52
C GLN B 174 -25.00 -31.63 42.08
N THR B 175 -25.95 -32.55 41.95
CA THR B 175 -25.81 -33.93 42.42
C THR B 175 -25.54 -34.84 41.21
N PRO B 176 -24.88 -36.02 41.38
CA PRO B 176 -24.60 -36.86 40.19
C PRO B 176 -25.82 -37.47 39.50
N GLU B 177 -25.73 -37.56 38.14
CA GLU B 177 -26.79 -38.15 37.30
C GLU B 177 -26.20 -38.89 36.09
N TYR B 178 -24.93 -38.63 35.72
CA TYR B 178 -24.35 -39.20 34.52
C TYR B 178 -23.15 -40.06 34.77
N ASP B 179 -22.85 -40.97 33.81
CA ASP B 179 -21.68 -41.85 33.82
C ASP B 179 -20.61 -41.29 32.87
N VAL B 180 -21.08 -40.55 31.84
CA VAL B 180 -20.26 -39.98 30.78
C VAL B 180 -20.80 -38.58 30.48
N VAL B 181 -19.86 -37.60 30.35
CA VAL B 181 -20.13 -36.27 29.91
C VAL B 181 -19.22 -36.06 28.69
N LEU B 182 -19.79 -35.68 27.57
CA LEU B 182 -19.06 -35.37 26.35
C LEU B 182 -18.96 -33.83 26.26
N CYS B 183 -17.75 -33.31 26.23
CA CYS B 183 -17.48 -31.87 26.14
C CYS B 183 -16.51 -31.71 24.98
N LEU B 184 -17.04 -31.77 23.76
CA LEU B 184 -16.28 -31.76 22.52
C LEU B 184 -16.41 -30.45 21.78
N SER B 185 -15.28 -29.71 21.58
CA SER B 185 -15.21 -28.41 20.88
C SER B 185 -16.07 -27.34 21.55
N LEU B 186 -16.16 -27.39 22.90
CA LEU B 186 -17.02 -26.45 23.64
C LEU B 186 -16.26 -25.42 24.49
N THR B 187 -15.14 -25.87 25.11
CA THR B 187 -14.26 -25.09 26.00
C THR B 187 -13.95 -23.67 25.51
N LYS B 188 -13.64 -23.47 24.21
CA LYS B 188 -13.31 -22.15 23.66
C LYS B 188 -14.49 -21.18 23.76
N TRP B 189 -15.68 -21.64 23.35
CA TRP B 189 -16.91 -20.86 23.36
C TRP B 189 -17.32 -20.45 24.78
N VAL B 190 -17.15 -21.35 25.73
CA VAL B 190 -17.44 -21.11 27.16
C VAL B 190 -16.42 -20.13 27.75
N HIS B 191 -15.13 -20.32 27.39
CA HIS B 191 -14.00 -19.54 27.84
C HIS B 191 -14.09 -18.08 27.39
N LEU B 192 -14.43 -17.85 26.12
CA LEU B 192 -14.54 -16.52 25.54
C LEU B 192 -15.78 -15.77 26.03
N ASN B 193 -16.93 -16.47 26.22
CA ASN B 193 -18.17 -15.85 26.63
C ASN B 193 -18.33 -15.68 28.13
N TRP B 194 -17.69 -16.52 28.95
CA TRP B 194 -17.81 -16.45 30.41
C TRP B 194 -16.43 -16.43 31.18
N GLY B 195 -15.33 -16.33 30.46
CA GLY B 195 -13.99 -16.28 31.04
C GLY B 195 -13.53 -17.52 31.78
N ASP B 196 -12.35 -17.42 32.44
CA ASP B 196 -11.75 -18.48 33.26
C ASP B 196 -12.74 -18.95 34.33
N GLU B 197 -13.36 -18.01 35.01
CA GLU B 197 -14.33 -18.21 36.09
C GLU B 197 -15.51 -19.09 35.68
N GLY B 198 -16.07 -18.80 34.50
CA GLY B 198 -17.16 -19.57 33.92
C GLY B 198 -16.77 -20.97 33.50
N LEU B 199 -15.58 -21.10 32.89
CA LEU B 199 -15.05 -22.39 32.45
C LEU B 199 -14.75 -23.31 33.64
N LYS B 200 -14.20 -22.73 34.71
CA LYS B 200 -13.90 -23.44 35.94
C LYS B 200 -15.20 -23.99 36.55
N ARG B 201 -16.28 -23.20 36.45
CA ARG B 201 -17.61 -23.59 36.92
C ARG B 201 -18.22 -24.67 36.07
N PHE B 203 -16.36 -27.01 34.33
CA PHE B 203 -15.52 -28.15 34.71
C PHE B 203 -15.94 -28.74 36.07
N ARG B 204 -16.14 -27.90 37.09
CA ARG B 204 -16.54 -28.33 38.44
C ARG B 204 -17.96 -28.93 38.42
N ARG B 205 -18.86 -28.37 37.60
CA ARG B 205 -20.20 -28.88 37.43
C ARG B 205 -20.14 -30.27 36.79
N ILE B 206 -19.36 -30.44 35.70
CA ILE B 206 -19.19 -31.75 35.05
C ILE B 206 -18.76 -32.79 36.09
N TYR B 207 -17.73 -32.48 36.89
CA TYR B 207 -17.25 -33.36 37.96
C TYR B 207 -18.38 -33.78 38.91
N ARG B 208 -19.13 -32.79 39.44
CA ARG B 208 -20.25 -32.99 40.36
C ARG B 208 -21.44 -33.74 39.75
N HIS B 209 -21.66 -33.58 38.43
CA HIS B 209 -22.75 -34.22 37.68
C HIS B 209 -22.46 -35.69 37.40
N LEU B 210 -21.18 -36.06 37.39
CA LEU B 210 -20.69 -37.41 37.16
C LEU B 210 -20.80 -38.29 38.39
N ARG B 211 -21.16 -39.54 38.20
CA ARG B 211 -21.23 -40.49 39.29
C ARG B 211 -19.81 -41.06 39.58
N PRO B 212 -19.53 -41.60 40.78
CA PRO B 212 -18.23 -42.23 41.02
C PRO B 212 -17.96 -43.28 39.94
N GLY B 213 -16.77 -43.24 39.37
CA GLY B 213 -16.41 -44.14 38.27
C GLY B 213 -16.68 -43.54 36.91
N GLY B 214 -17.25 -42.32 36.91
CA GLY B 214 -17.61 -41.60 35.70
C GLY B 214 -16.45 -41.05 34.90
N ILE B 215 -16.72 -40.70 33.64
CA ILE B 215 -15.73 -40.16 32.73
C ILE B 215 -16.18 -38.89 32.02
N LEU B 216 -15.24 -37.98 31.79
CA LEU B 216 -15.44 -36.78 31.01
C LEU B 216 -14.62 -36.98 29.74
N VAL B 217 -15.26 -36.86 28.58
CA VAL B 217 -14.58 -36.94 27.28
C VAL B 217 -14.39 -35.48 26.87
N LEU B 218 -13.12 -35.00 26.84
CA LEU B 218 -12.80 -33.62 26.51
C LEU B 218 -12.02 -33.51 25.21
N GLU B 219 -12.47 -32.66 24.29
CA GLU B 219 -11.80 -32.35 23.02
C GLU B 219 -11.66 -30.82 23.02
N PRO B 220 -10.63 -30.25 23.70
CA PRO B 220 -10.53 -28.78 23.77
C PRO B 220 -9.87 -28.14 22.56
N GLN B 221 -10.24 -26.88 22.26
CA GLN B 221 -9.63 -26.12 21.18
C GLN B 221 -8.30 -25.56 21.65
N PRO B 222 -7.24 -25.51 20.80
CA PRO B 222 -5.98 -24.93 21.27
C PRO B 222 -6.11 -23.41 21.36
N TRP B 223 -5.17 -22.79 22.08
CA TRP B 223 -5.14 -21.36 22.30
C TRP B 223 -5.20 -20.62 20.98
N SER B 224 -4.45 -21.13 19.98
CA SER B 224 -4.31 -20.66 18.60
C SER B 224 -5.65 -20.35 17.91
N SER B 225 -6.68 -21.14 18.24
CA SER B 225 -8.05 -21.05 17.71
C SER B 225 -8.84 -19.85 18.26
N TYR B 226 -8.44 -19.31 19.44
CA TYR B 226 -9.12 -18.21 20.13
C TYR B 226 -9.07 -16.89 19.39
N GLY B 227 -7.88 -16.54 18.87
CA GLY B 227 -7.59 -15.29 18.16
C GLY B 227 -8.59 -14.90 17.11
N LYS B 228 -8.89 -15.83 16.19
CA LYS B 228 -9.81 -15.64 15.05
C LYS B 228 -11.09 -14.77 15.34
N ARG B 229 -12.00 -15.18 16.21
CA ARG B 229 -13.26 -14.47 16.46
C ARG B 229 -13.21 -13.58 17.71
N LYS B 230 -12.06 -13.03 18.09
CA LYS B 230 -11.89 -12.25 19.32
C LYS B 230 -12.69 -10.96 19.33
N THR B 231 -13.20 -10.58 18.15
CA THR B 231 -13.86 -9.30 17.92
C THR B 231 -15.37 -9.43 17.73
N LEU B 232 -15.93 -10.62 18.09
CA LEU B 232 -17.36 -10.85 17.96
C LEU B 232 -18.18 -9.92 18.87
N THR B 233 -17.82 -9.89 20.16
CA THR B 233 -18.52 -9.11 21.19
C THR B 233 -17.46 -8.39 21.99
N GLU B 234 -17.89 -7.37 22.77
CA GLU B 234 -17.00 -6.60 23.65
C GLU B 234 -16.55 -7.49 24.78
N THR B 235 -17.46 -8.34 25.22
CA THR B 235 -17.34 -9.30 26.28
C THR B 235 -16.29 -10.35 25.90
N ILE B 236 -16.41 -10.94 24.68
CA ILE B 236 -15.45 -11.91 24.13
C ILE B 236 -14.04 -11.31 24.05
N TYR B 237 -13.92 -10.04 23.60
CA TYR B 237 -12.66 -9.31 23.47
C TYR B 237 -12.01 -9.07 24.82
N LYS B 238 -12.79 -8.62 25.84
CA LYS B 238 -12.26 -8.38 27.18
C LYS B 238 -11.73 -9.69 27.80
N ASN B 239 -12.46 -10.79 27.58
CA ASN B 239 -12.07 -12.11 28.07
C ASN B 239 -10.86 -12.69 27.34
N TYR B 240 -10.74 -12.52 26.00
CA TYR B 240 -9.58 -13.05 25.24
C TYR B 240 -8.25 -12.49 25.74
N TYR B 241 -8.26 -11.26 26.26
CA TYR B 241 -7.06 -10.61 26.80
C TYR B 241 -6.87 -10.86 28.30
N ARG B 242 -7.90 -11.37 28.99
CA ARG B 242 -7.86 -11.60 30.44
C ARG B 242 -7.60 -13.05 30.85
N ILE B 243 -7.81 -14.04 29.95
CA ILE B 243 -7.66 -15.48 30.23
C ILE B 243 -6.22 -15.85 30.67
N GLN B 244 -6.10 -16.60 31.78
CA GLN B 244 -4.85 -17.10 32.36
C GLN B 244 -4.84 -18.63 32.39
N LEU B 245 -6.00 -19.29 32.56
CA LEU B 245 -6.05 -20.75 32.48
C LEU B 245 -6.12 -21.09 31.00
N LYS B 246 -5.01 -21.50 30.42
CA LYS B 246 -4.89 -21.78 29.00
C LYS B 246 -5.20 -23.26 28.69
N PRO B 247 -5.67 -23.60 27.46
CA PRO B 247 -5.96 -25.02 27.11
C PRO B 247 -4.90 -26.07 27.50
N GLU B 248 -3.63 -25.70 27.38
CA GLU B 248 -2.43 -26.48 27.71
C GLU B 248 -2.37 -26.84 29.22
N GLN B 249 -3.07 -26.06 30.07
CA GLN B 249 -3.12 -26.21 31.54
C GLN B 249 -4.39 -26.90 32.04
N PHE B 250 -5.33 -27.23 31.12
CA PHE B 250 -6.61 -27.86 31.44
C PHE B 250 -6.47 -29.19 32.17
N SER B 251 -5.51 -30.02 31.74
CA SER B 251 -5.31 -31.35 32.34
C SER B 251 -4.91 -31.28 33.81
N SER B 252 -4.02 -30.35 34.15
CA SER B 252 -3.52 -30.12 35.51
C SER B 252 -4.62 -29.53 36.39
N TYR B 253 -5.46 -28.61 35.82
CA TYR B 253 -6.54 -27.99 36.57
C TYR B 253 -7.66 -28.99 36.89
N LEU B 254 -8.04 -29.83 35.90
CA LEU B 254 -9.09 -30.83 36.06
C LEU B 254 -8.74 -31.91 37.08
N THR B 255 -7.44 -32.24 37.23
CA THR B 255 -6.95 -33.24 38.18
C THR B 255 -6.56 -32.60 39.56
N SER B 256 -6.74 -31.27 39.69
CA SER B 256 -6.45 -30.53 40.93
C SER B 256 -7.64 -30.64 41.93
N PRO B 257 -7.45 -30.32 43.25
CA PRO B 257 -8.59 -30.40 44.19
C PRO B 257 -9.74 -29.45 43.88
N ASP B 258 -9.49 -28.40 43.06
CA ASP B 258 -10.50 -27.42 42.65
C ASP B 258 -11.65 -28.10 41.88
N VAL B 259 -11.30 -29.10 41.02
CA VAL B 259 -12.23 -29.91 40.23
C VAL B 259 -12.36 -31.30 40.93
N GLY B 260 -11.31 -32.11 40.90
CA GLY B 260 -11.32 -33.40 41.59
C GLY B 260 -11.06 -34.68 40.81
N PHE B 261 -10.90 -34.64 39.47
CA PHE B 261 -10.64 -35.85 38.66
C PHE B 261 -9.36 -36.58 39.11
N SER B 262 -9.48 -37.91 39.33
CA SER B 262 -8.42 -38.78 39.84
C SER B 262 -7.27 -39.04 38.85
N SER B 263 -7.56 -39.08 37.56
CA SER B 263 -6.58 -39.38 36.51
C SER B 263 -7.08 -38.89 35.15
N TYR B 264 -6.20 -38.90 34.15
CA TYR B 264 -6.53 -38.54 32.77
C TYR B 264 -5.71 -39.33 31.77
N GLU B 265 -6.15 -39.38 30.51
CA GLU B 265 -5.44 -40.07 29.46
C GLU B 265 -5.74 -39.45 28.10
N LEU B 266 -4.78 -39.53 27.18
CA LEU B 266 -4.94 -39.04 25.82
C LEU B 266 -5.41 -40.22 24.94
N VAL B 267 -6.44 -39.99 24.11
CA VAL B 267 -7.01 -40.99 23.22
C VAL B 267 -6.37 -40.87 21.83
N ALA B 268 -5.80 -42.01 21.31
CA ALA B 268 -5.14 -42.16 20.01
N ARG B 279 -8.31 -32.19 16.39
CA ARG B 279 -7.93 -31.85 17.77
C ARG B 279 -7.74 -33.11 18.64
N PRO B 280 -6.86 -33.05 19.68
CA PRO B 280 -6.69 -34.20 20.57
C PRO B 280 -7.88 -34.40 21.52
N VAL B 281 -8.13 -35.67 21.88
CA VAL B 281 -9.21 -36.08 22.75
C VAL B 281 -8.65 -36.71 24.02
N TYR B 282 -9.20 -36.31 25.18
CA TYR B 282 -8.78 -36.76 26.50
C TYR B 282 -9.93 -37.39 27.27
N LEU B 283 -9.62 -38.29 28.21
CA LEU B 283 -10.57 -38.93 29.10
C LEU B 283 -10.14 -38.58 30.52
N PHE B 284 -11.04 -38.02 31.31
CA PHE B 284 -10.80 -37.64 32.71
C PHE B 284 -11.64 -38.57 33.57
N HIS B 285 -10.99 -39.21 34.56
CA HIS B 285 -11.66 -40.21 35.40
C HIS B 285 -12.03 -39.72 36.79
N LYS B 286 -13.25 -40.05 37.23
CA LYS B 286 -13.76 -39.78 38.56
C LYS B 286 -13.65 -41.09 39.36
N ALA B 287 -13.00 -41.02 40.53
CA ALA B 287 -12.76 -42.13 41.47
C ALA B 287 -14.02 -42.88 41.83
N ARG B 288 -13.90 -44.22 41.96
CA ARG B 288 -14.99 -45.12 42.29
C ARG B 288 -15.42 -45.08 43.76
N SER B 289 -16.68 -45.46 44.04
CA SER B 289 -17.27 -45.49 45.38
N PHE C 16 27.56 11.22 -12.23
CA PHE C 16 28.57 11.20 -11.17
C PHE C 16 28.87 9.74 -10.77
N GLN C 17 29.05 8.88 -11.78
CA GLN C 17 29.31 7.43 -11.66
C GLN C 17 30.66 7.10 -11.08
N TYR C 18 31.61 8.07 -11.10
CA TYR C 18 32.94 7.89 -10.54
C TYR C 18 33.01 8.55 -9.16
N GLY C 19 31.86 9.01 -8.67
CA GLY C 19 31.72 9.74 -7.42
C GLY C 19 32.28 11.13 -7.61
N ASN C 20 32.28 11.58 -8.86
CA ASN C 20 32.88 12.81 -9.36
C ASN C 20 32.01 14.08 -9.28
N TYR C 21 31.56 14.40 -8.07
CA TYR C 21 30.91 15.68 -7.83
C TYR C 21 31.77 16.38 -6.77
N CYS C 22 31.65 17.70 -6.64
CA CYS C 22 32.44 18.49 -5.72
C CYS C 22 32.14 18.20 -4.25
N LYS C 23 33.10 17.55 -3.58
CA LYS C 23 33.03 17.09 -2.20
C LYS C 23 33.78 17.94 -1.20
N TYR C 24 33.07 18.47 -0.21
CA TYR C 24 33.66 19.23 0.89
C TYR C 24 33.54 18.38 2.19
N TYR C 25 34.23 17.20 2.15
CA TYR C 25 34.29 16.17 3.19
C TYR C 25 35.29 16.52 4.29
CA ASP C 34 40.74 19.94 5.46
C ASP C 34 40.86 19.52 6.94
N GLY C 35 39.88 18.72 7.41
CA GLY C 35 39.82 18.22 8.78
C GLY C 35 40.25 16.78 8.97
N ARG C 36 40.84 16.17 7.93
CA ARG C 36 41.37 14.79 7.93
C ARG C 36 42.87 14.84 8.33
N LEU C 37 43.35 16.07 8.48
CA LEU C 37 44.69 16.38 8.91
C LEU C 37 44.91 15.97 10.37
N ARG C 38 43.81 15.75 11.14
CA ARG C 38 43.84 15.31 12.53
C ARG C 38 44.19 13.82 12.59
N VAL C 39 43.81 13.04 11.52
CA VAL C 39 44.09 11.59 11.41
C VAL C 39 45.44 11.32 10.75
N LEU C 40 45.79 12.14 9.73
CA LEU C 40 47.05 11.97 9.01
C LEU C 40 48.23 12.55 9.82
N LYS C 41 49.40 11.87 9.75
CA LYS C 41 50.60 12.28 10.48
C LYS C 41 51.54 13.12 9.59
N PRO C 42 51.99 14.32 10.06
CA PRO C 42 52.87 15.16 9.23
C PRO C 42 54.14 14.48 8.72
N GLU C 43 54.79 13.66 9.57
CA GLU C 43 56.01 12.90 9.29
C GLU C 43 55.93 12.04 8.02
N TRP C 44 54.72 11.61 7.66
CA TRP C 44 54.49 10.81 6.45
C TRP C 44 54.77 11.65 5.18
N PHE C 45 54.54 12.98 5.25
CA PHE C 45 54.57 13.92 4.14
C PHE C 45 55.78 14.86 4.01
N ARG C 46 56.31 15.42 5.14
CA ARG C 46 57.44 16.39 5.16
C ARG C 46 58.64 15.94 4.33
N GLY C 47 58.96 16.73 3.29
CA GLY C 47 60.07 16.46 2.38
C GLY C 47 59.95 15.23 1.50
N ARG C 48 58.74 14.65 1.42
CA ARG C 48 58.45 13.47 0.61
C ARG C 48 57.68 13.83 -0.68
N ASP C 49 57.67 12.92 -1.67
CA ASP C 49 56.91 13.05 -2.92
C ASP C 49 55.59 12.31 -2.76
N VAL C 50 54.48 13.04 -2.92
CA VAL C 50 53.13 12.57 -2.68
C VAL C 50 52.29 12.61 -3.96
N LEU C 51 51.47 11.56 -4.16
CA LEU C 51 50.49 11.50 -5.23
C LEU C 51 49.12 11.30 -4.53
N ASP C 52 48.15 12.21 -4.77
CA ASP C 52 46.80 12.15 -4.19
C ASP C 52 45.81 11.71 -5.29
N LEU C 53 45.47 10.40 -5.26
CA LEU C 53 44.56 9.74 -6.20
C LEU C 53 43.11 10.13 -5.93
N GLY C 54 42.42 10.58 -6.98
CA GLY C 54 41.05 11.06 -6.88
C GLY C 54 40.97 12.26 -5.95
N CYS C 55 41.80 13.27 -6.18
CA CYS C 55 41.93 14.45 -5.35
C CYS C 55 40.66 15.32 -5.26
N ASN C 56 39.70 15.14 -6.17
CA ASN C 56 38.45 15.92 -6.22
C ASN C 56 38.79 17.43 -6.36
N VAL C 57 38.23 18.34 -5.55
CA VAL C 57 38.49 19.81 -5.61
C VAL C 57 39.84 20.19 -4.97
N GLY C 58 40.55 19.17 -4.47
CA GLY C 58 41.90 19.22 -3.92
C GLY C 58 42.14 19.98 -2.63
N HIS C 59 41.11 20.15 -1.77
CA HIS C 59 41.31 20.85 -0.50
C HIS C 59 42.36 20.16 0.41
N LEU C 60 42.37 18.80 0.43
CA LEU C 60 43.36 18.03 1.18
C LEU C 60 44.75 18.17 0.54
N THR C 61 44.82 18.16 -0.81
CA THR C 61 46.05 18.26 -1.59
C THR C 61 46.74 19.55 -1.18
N LEU C 62 46.00 20.68 -1.19
CA LEU C 62 46.47 22.01 -0.82
C LEU C 62 46.80 22.11 0.69
N SER C 63 45.99 21.52 1.56
CA SER C 63 46.24 21.53 3.00
C SER C 63 47.53 20.83 3.36
N ILE C 64 47.78 19.64 2.79
CA ILE C 64 49.01 18.90 3.04
C ILE C 64 50.18 19.64 2.44
N ALA C 65 50.05 20.08 1.17
CA ALA C 65 51.10 20.79 0.45
C ALA C 65 51.55 22.04 1.18
N CYS C 66 50.61 22.78 1.75
CA CYS C 66 50.82 24.01 2.50
C CYS C 66 51.36 23.73 3.92
N LYS C 67 50.55 23.11 4.78
CA LYS C 67 50.88 22.86 6.18
C LYS C 67 52.10 21.95 6.43
N TRP C 68 52.28 20.86 5.65
CA TRP C 68 53.28 19.86 5.98
C TRP C 68 54.47 19.71 5.05
N GLY C 69 54.68 20.69 4.19
CA GLY C 69 55.82 20.75 3.28
C GLY C 69 56.28 19.50 2.53
N PRO C 70 55.43 18.82 1.69
CA PRO C 70 55.99 17.72 0.87
C PRO C 70 56.91 18.32 -0.20
N SER C 71 57.96 17.60 -0.59
CA SER C 71 58.87 18.07 -1.66
C SER C 71 58.18 18.20 -3.00
N ARG C 72 57.21 17.33 -3.28
CA ARG C 72 56.39 17.34 -4.48
C ARG C 72 55.01 16.75 -4.10
N VAL C 74 51.29 15.94 -6.14
CA VAL C 74 50.47 15.85 -7.35
C VAL C 74 49.07 15.35 -6.98
N GLY C 75 48.06 16.10 -7.40
CA GLY C 75 46.67 15.74 -7.26
C GLY C 75 46.15 15.25 -8.60
N LEU C 76 45.67 14.00 -8.66
CA LEU C 76 45.11 13.37 -9.86
C LEU C 76 43.61 13.09 -9.75
N ASP C 77 42.84 13.39 -10.83
CA ASP C 77 41.40 13.11 -10.88
C ASP C 77 40.98 12.82 -12.31
N ILE C 78 40.05 11.87 -12.53
CA ILE C 78 39.52 11.50 -13.84
C ILE C 78 38.75 12.66 -14.49
N ASP C 79 38.11 13.48 -13.64
CA ASP C 79 37.21 14.58 -13.98
C ASP C 79 37.92 15.92 -14.04
N SER C 80 37.97 16.49 -15.24
CA SER C 80 38.62 17.77 -15.49
C SER C 80 37.89 18.97 -14.88
N ARG C 81 36.57 18.84 -14.59
CA ARG C 81 35.81 19.92 -13.95
C ARG C 81 36.32 20.08 -12.52
N LEU C 82 36.69 18.95 -11.90
CA LEU C 82 37.27 18.88 -10.57
C LEU C 82 38.71 19.42 -10.56
N ILE C 83 39.48 19.16 -11.65
CA ILE C 83 40.87 19.62 -11.76
C ILE C 83 40.91 21.13 -11.98
N HIS C 84 39.96 21.69 -12.74
CA HIS C 84 39.86 23.13 -12.97
C HIS C 84 39.59 23.87 -11.67
N SER C 85 38.53 23.45 -10.92
CA SER C 85 38.17 24.06 -9.65
C SER C 85 39.31 23.97 -8.63
N ALA C 86 40.06 22.84 -8.58
CA ALA C 86 41.24 22.65 -7.71
C ALA C 86 42.32 23.68 -8.00
N ARG C 87 42.53 24.01 -9.28
CA ARG C 87 43.53 24.97 -9.77
C ARG C 87 43.13 26.38 -9.43
N GLN C 88 41.80 26.67 -9.51
CA GLN C 88 41.22 27.96 -9.18
C GLN C 88 41.26 28.19 -7.67
N ASN C 89 41.26 27.11 -6.87
CA ASN C 89 41.32 27.20 -5.43
C ASN C 89 42.70 27.62 -4.90
N ILE C 90 43.78 27.46 -5.67
CA ILE C 90 45.13 27.83 -5.23
C ILE C 90 45.18 29.32 -4.81
N ARG C 91 44.61 30.22 -5.63
CA ARG C 91 44.54 31.67 -5.39
C ARG C 91 43.87 32.04 -4.04
N HIS C 92 42.78 31.34 -3.69
CA HIS C 92 42.04 31.56 -2.45
C HIS C 92 42.79 31.06 -1.20
N TYR C 93 43.79 30.20 -1.39
CA TYR C 93 44.64 29.62 -0.34
C TYR C 93 45.86 30.56 -0.10
N LEU C 94 46.11 31.51 -1.01
CA LEU C 94 47.21 32.47 -0.93
C LEU C 94 46.69 33.84 -0.44
N SER C 95 45.73 34.45 -1.15
CA SER C 95 45.14 35.74 -0.79
N VAL C 142 57.02 31.29 1.98
CA VAL C 142 57.00 31.68 0.58
C VAL C 142 58.20 31.15 -0.25
N PRO C 143 57.94 30.61 -1.49
CA PRO C 143 59.04 30.15 -2.37
C PRO C 143 59.88 31.35 -2.80
N LEU C 144 61.18 31.13 -3.06
CA LEU C 144 62.08 32.21 -3.42
C LEU C 144 61.77 32.78 -4.81
N ASP C 145 61.23 31.93 -5.71
CA ASP C 145 60.90 32.24 -7.11
C ASP C 145 60.44 30.94 -7.76
N GLY C 146 60.26 30.94 -9.08
CA GLY C 146 59.77 29.76 -9.83
C GLY C 146 60.74 28.62 -9.89
N ALA C 147 62.06 28.91 -9.66
CA ALA C 147 63.10 27.90 -9.61
C ALA C 147 63.09 27.17 -8.27
N ASP C 148 62.37 27.70 -7.28
CA ASP C 148 62.17 27.09 -5.96
C ASP C 148 60.81 26.39 -5.92
N THR C 149 60.80 25.06 -6.13
CA THR C 149 59.56 24.27 -6.10
C THR C 149 59.43 23.44 -4.81
N SER C 150 60.13 23.86 -3.76
CA SER C 150 60.16 23.13 -2.49
C SER C 150 59.08 23.57 -1.48
N VAL C 151 58.54 24.78 -1.62
CA VAL C 151 57.55 25.37 -0.70
C VAL C 151 56.26 25.67 -1.48
N PHE C 152 55.14 25.68 -0.77
CA PHE C 152 53.82 26.00 -1.30
C PHE C 152 53.80 27.46 -1.79
N PRO C 153 53.19 27.79 -2.96
CA PRO C 153 52.37 26.93 -3.85
C PRO C 153 53.13 26.23 -4.97
N ASN C 154 54.46 26.35 -4.98
CA ASN C 154 55.33 25.81 -6.02
C ASN C 154 55.61 24.32 -5.94
N ASN C 155 55.11 23.61 -4.90
CA ASN C 155 55.30 22.17 -4.75
C ASN C 155 54.05 21.35 -5.13
N VAL C 156 53.01 22.01 -5.65
CA VAL C 156 51.75 21.34 -5.99
C VAL C 156 51.33 21.57 -7.45
N VAL C 157 50.79 20.50 -8.10
CA VAL C 157 50.23 20.45 -9.47
C VAL C 157 49.07 19.51 -9.47
N PHE C 158 48.11 19.74 -10.35
CA PHE C 158 46.90 18.96 -10.58
C PHE C 158 46.93 18.38 -11.99
N VAL C 159 46.51 17.11 -12.17
CA VAL C 159 46.50 16.44 -13.45
C VAL C 159 45.18 15.67 -13.59
N THR C 160 44.60 15.71 -14.79
CA THR C 160 43.39 14.98 -15.16
C THR C 160 43.85 13.64 -15.74
N GLY C 161 43.27 12.57 -15.27
CA GLY C 161 43.59 11.26 -15.81
C GLY C 161 42.93 10.12 -15.08
N ASN C 162 42.83 8.98 -15.76
CA ASN C 162 42.30 7.76 -15.19
C ASN C 162 43.53 6.97 -14.76
N TYR C 163 43.66 6.72 -13.45
CA TYR C 163 44.79 5.98 -12.90
C TYR C 163 44.76 4.50 -13.30
N VAL C 164 43.58 4.01 -13.64
CA VAL C 164 43.36 2.61 -14.05
C VAL C 164 43.81 2.40 -15.50
N LEU C 165 44.90 1.64 -15.69
CA LEU C 165 45.41 1.27 -17.00
C LEU C 165 44.61 0.06 -17.50
N ASP C 166 44.46 -0.08 -18.83
CA ASP C 166 43.63 -1.15 -19.43
C ASP C 166 44.16 -2.57 -19.33
N ARG C 167 45.48 -2.77 -19.44
CA ARG C 167 46.12 -4.09 -19.42
C ARG C 167 47.20 -4.19 -18.33
N ASP C 168 47.55 -5.43 -17.95
CA ASP C 168 48.56 -5.78 -16.97
C ASP C 168 49.97 -5.45 -17.45
N ASP C 169 50.23 -5.50 -18.79
CA ASP C 169 51.55 -5.18 -19.37
C ASP C 169 51.88 -3.69 -19.26
N LEU C 170 50.83 -2.83 -19.23
CA LEU C 170 50.92 -1.39 -19.09
C LEU C 170 51.28 -1.09 -17.64
N VAL C 171 50.61 -1.75 -16.67
CA VAL C 171 50.86 -1.61 -15.23
C VAL C 171 52.34 -1.93 -14.91
N GLU C 172 52.89 -2.98 -15.56
CA GLU C 172 54.27 -3.43 -15.40
C GLU C 172 55.30 -2.48 -16.01
N ALA C 173 54.85 -1.50 -16.81
CA ALA C 173 55.75 -0.50 -17.40
C ALA C 173 55.96 0.69 -16.45
N GLN C 174 55.11 0.83 -15.39
CA GLN C 174 55.19 1.88 -14.37
C GLN C 174 56.45 1.74 -13.49
N THR C 175 57.27 2.78 -13.50
CA THR C 175 58.51 2.86 -12.74
C THR C 175 58.27 3.74 -11.49
N PRO C 176 59.06 3.60 -10.39
CA PRO C 176 58.77 4.40 -9.19
C PRO C 176 59.01 5.89 -9.31
N GLU C 177 58.17 6.69 -8.62
CA GLU C 177 58.26 8.17 -8.60
C GLU C 177 57.81 8.74 -7.25
N TYR C 178 57.02 8.01 -6.45
CA TYR C 178 56.50 8.61 -5.22
C TYR C 178 56.94 7.91 -3.92
N ASP C 179 56.81 8.62 -2.81
CA ASP C 179 57.13 8.12 -1.49
C ASP C 179 55.81 7.79 -0.76
N VAL C 180 54.73 8.49 -1.13
CA VAL C 180 53.39 8.38 -0.55
C VAL C 180 52.37 8.45 -1.66
N VAL C 181 51.36 7.57 -1.58
CA VAL C 181 50.20 7.57 -2.45
C VAL C 181 48.99 7.63 -1.51
N LEU C 182 48.13 8.63 -1.68
CA LEU C 182 46.90 8.77 -0.93
C LEU C 182 45.78 8.23 -1.81
N CYS C 183 45.07 7.19 -1.32
CA CYS C 183 43.96 6.56 -2.01
C CYS C 183 42.80 6.53 -1.01
N LEU C 184 42.15 7.70 -0.85
CA LEU C 184 41.11 7.93 0.13
C LEU C 184 39.74 8.02 -0.51
N SER C 185 38.81 7.07 -0.13
CA SER C 185 37.43 7.00 -0.64
C SER C 185 37.37 6.80 -2.16
N LEU C 186 38.35 6.06 -2.72
CA LEU C 186 38.44 5.87 -4.17
C LEU C 186 38.12 4.43 -4.64
N THR C 187 38.55 3.42 -3.85
CA THR C 187 38.41 1.97 -4.11
C THR C 187 37.06 1.54 -4.63
N LYS C 188 35.95 2.06 -4.04
CA LYS C 188 34.59 1.67 -4.43
C LYS C 188 34.28 2.07 -5.87
N TRP C 189 34.59 3.34 -6.21
CA TRP C 189 34.36 3.91 -7.53
C TRP C 189 35.15 3.18 -8.62
N VAL C 190 36.40 2.80 -8.30
CA VAL C 190 37.26 2.05 -9.21
C VAL C 190 36.75 0.62 -9.38
N HIS C 191 36.31 0.00 -8.27
CA HIS C 191 35.81 -1.37 -8.17
C HIS C 191 34.55 -1.57 -8.98
N LEU C 192 33.60 -0.63 -8.84
CA LEU C 192 32.31 -0.67 -9.53
C LEU C 192 32.42 -0.39 -11.03
N ASN C 193 33.27 0.57 -11.42
CA ASN C 193 33.43 0.98 -12.81
C ASN C 193 34.35 0.11 -13.62
N TRP C 194 35.38 -0.50 -13.00
CA TRP C 194 36.37 -1.32 -13.70
C TRP C 194 36.56 -2.76 -13.12
N GLY C 195 35.73 -3.16 -12.14
CA GLY C 195 35.75 -4.49 -11.52
C GLY C 195 36.98 -4.84 -10.72
N ASP C 196 37.09 -6.12 -10.27
CA ASP C 196 38.23 -6.66 -9.52
C ASP C 196 39.49 -6.45 -10.34
N GLU C 197 39.42 -6.77 -11.65
CA GLU C 197 40.53 -6.65 -12.61
C GLU C 197 41.14 -5.25 -12.61
N GLY C 198 40.30 -4.23 -12.68
CA GLY C 198 40.69 -2.82 -12.68
C GLY C 198 41.26 -2.35 -11.36
N LEU C 199 40.65 -2.79 -10.25
CA LEU C 199 41.10 -2.44 -8.89
C LEU C 199 42.45 -3.07 -8.58
N LYS C 200 42.64 -4.33 -9.02
CA LYS C 200 43.90 -5.08 -8.86
C LYS C 200 44.99 -4.34 -9.61
N ARG C 201 44.66 -3.78 -10.79
CA ARG C 201 45.57 -3.00 -11.61
C ARG C 201 45.88 -1.65 -10.98
N PHE C 203 45.85 -1.08 -7.58
CA PHE C 203 46.66 -1.50 -6.43
C PHE C 203 48.09 -1.84 -6.86
N ARG C 204 48.24 -2.64 -7.95
CA ARG C 204 49.56 -3.03 -8.48
C ARG C 204 50.32 -1.83 -9.03
N ARG C 205 49.60 -0.87 -9.66
CA ARG C 205 50.20 0.35 -10.15
C ARG C 205 50.72 1.19 -8.96
N ILE C 206 49.89 1.38 -7.90
CA ILE C 206 50.32 2.11 -6.69
C ILE C 206 51.64 1.52 -6.17
N TYR C 207 51.70 0.20 -6.01
CA TYR C 207 52.92 -0.49 -5.56
C TYR C 207 54.13 -0.16 -6.45
N ARG C 208 53.98 -0.33 -7.78
CA ARG C 208 55.07 -0.06 -8.75
C ARG C 208 55.47 1.42 -8.84
N HIS C 209 54.50 2.34 -8.57
CA HIS C 209 54.74 3.80 -8.57
C HIS C 209 55.51 4.26 -7.33
N LEU C 210 55.34 3.55 -6.20
CA LEU C 210 56.01 3.84 -4.93
C LEU C 210 57.46 3.34 -4.95
N ARG C 211 58.37 4.15 -4.40
CA ARG C 211 59.79 3.84 -4.29
C ARG C 211 60.01 2.90 -3.08
N PRO C 212 61.14 2.14 -3.02
CA PRO C 212 61.39 1.30 -1.82
C PRO C 212 61.31 2.18 -0.57
N GLY C 213 60.58 1.71 0.43
CA GLY C 213 60.36 2.48 1.65
C GLY C 213 59.08 3.30 1.60
N GLY C 214 58.38 3.24 0.47
CA GLY C 214 57.15 3.98 0.21
C GLY C 214 55.94 3.50 0.98
N ILE C 215 54.92 4.37 1.12
CA ILE C 215 53.68 4.09 1.84
C ILE C 215 52.42 4.42 1.01
N LEU C 216 51.39 3.60 1.18
CA LEU C 216 50.09 3.80 0.59
C LEU C 216 49.15 4.09 1.75
N VAL C 217 48.45 5.23 1.69
CA VAL C 217 47.45 5.59 2.70
C VAL C 217 46.11 5.22 2.07
N LEU C 218 45.44 4.19 2.63
CA LEU C 218 44.18 3.66 2.09
C LEU C 218 43.02 3.87 3.05
N GLU C 219 41.93 4.48 2.55
CA GLU C 219 40.70 4.69 3.29
C GLU C 219 39.59 4.02 2.42
N PRO C 220 39.40 2.68 2.51
CA PRO C 220 38.42 2.03 1.62
C PRO C 220 36.99 2.11 2.12
N GLN C 221 36.04 2.07 1.18
CA GLN C 221 34.60 2.03 1.51
C GLN C 221 34.22 0.60 1.88
N PRO C 222 33.34 0.38 2.90
CA PRO C 222 32.93 -1.01 3.20
C PRO C 222 32.01 -1.57 2.11
N TRP C 223 31.81 -2.92 2.08
CA TRP C 223 30.96 -3.55 1.08
C TRP C 223 29.53 -3.04 1.15
N SER C 224 29.08 -2.67 2.35
CA SER C 224 27.77 -2.09 2.65
C SER C 224 27.45 -0.88 1.76
N SER C 225 28.46 -0.07 1.43
CA SER C 225 28.39 1.16 0.62
C SER C 225 28.18 0.89 -0.89
N TYR C 226 28.53 -0.32 -1.35
CA TYR C 226 28.47 -0.72 -2.77
C TYR C 226 27.07 -0.85 -3.30
N GLY C 227 26.18 -1.51 -2.54
CA GLY C 227 24.80 -1.80 -2.89
C GLY C 227 23.98 -0.60 -3.34
N LYS C 228 24.02 0.50 -2.55
CA LYS C 228 23.34 1.76 -2.87
C LYS C 228 23.86 2.24 -4.21
N ARG C 229 22.96 2.49 -5.17
CA ARG C 229 23.26 2.98 -6.52
C ARG C 229 24.06 1.97 -7.41
N LYS C 230 23.83 0.65 -7.22
CA LYS C 230 24.42 -0.42 -8.06
C LYS C 230 23.77 -0.43 -9.45
N THR C 231 22.75 0.41 -9.64
CA THR C 231 21.96 0.54 -10.85
C THR C 231 22.27 1.83 -11.63
N LEU C 232 23.45 2.46 -11.34
CA LEU C 232 23.90 3.68 -12.02
C LEU C 232 24.16 3.38 -13.50
N THR C 233 24.96 2.35 -13.78
CA THR C 233 25.32 1.94 -15.13
C THR C 233 25.12 0.43 -15.24
N GLU C 234 25.06 -0.10 -16.47
CA GLU C 234 24.94 -1.53 -16.72
C GLU C 234 26.26 -2.21 -16.33
N THR C 235 27.38 -1.48 -16.54
CA THR C 235 28.73 -1.91 -16.23
C THR C 235 28.88 -2.01 -14.72
N ILE C 236 28.39 -1.00 -13.95
CA ILE C 236 28.43 -0.98 -12.48
C ILE C 236 27.66 -2.17 -11.88
N TYR C 237 26.47 -2.47 -12.47
CA TYR C 237 25.61 -3.56 -12.07
C TYR C 237 26.26 -4.91 -12.31
N LYS C 238 26.81 -5.15 -13.52
CA LYS C 238 27.50 -6.38 -13.89
C LYS C 238 28.68 -6.64 -12.94
N ASN C 239 29.43 -5.57 -12.60
CA ASN C 239 30.58 -5.63 -11.71
C ASN C 239 30.23 -5.87 -10.27
N TYR C 240 29.14 -5.24 -9.74
CA TYR C 240 28.70 -5.45 -8.36
C TYR C 240 28.45 -6.94 -8.06
N TYR C 241 27.95 -7.69 -9.05
CA TYR C 241 27.64 -9.11 -8.91
C TYR C 241 28.78 -10.04 -9.34
N ARG C 242 29.84 -9.50 -9.91
CA ARG C 242 31.00 -10.28 -10.36
C ARG C 242 32.21 -10.18 -9.38
N ILE C 243 32.22 -9.19 -8.46
CA ILE C 243 33.30 -8.93 -7.50
C ILE C 243 33.51 -10.11 -6.52
N GLN C 244 34.79 -10.53 -6.35
CA GLN C 244 35.22 -11.60 -5.45
C GLN C 244 36.20 -11.03 -4.40
N LEU C 245 37.06 -10.05 -4.81
CA LEU C 245 37.97 -9.38 -3.87
C LEU C 245 37.12 -8.33 -3.14
N LYS C 246 36.68 -8.64 -1.92
CA LYS C 246 35.80 -7.78 -1.11
C LYS C 246 36.64 -6.81 -0.25
N PRO C 247 36.11 -5.60 0.14
CA PRO C 247 36.90 -4.67 0.99
C PRO C 247 37.60 -5.27 2.21
N GLU C 248 36.94 -6.22 2.88
CA GLU C 248 37.42 -6.96 4.06
C GLU C 248 38.68 -7.80 3.76
N GLN C 249 38.92 -8.12 2.46
CA GLN C 249 40.05 -8.92 1.98
C GLN C 249 41.16 -8.08 1.33
N PHE C 250 40.98 -6.74 1.26
CA PHE C 250 41.94 -5.80 0.67
C PHE C 250 43.31 -5.87 1.30
N SER C 251 43.37 -5.96 2.64
CA SER C 251 44.65 -5.97 3.37
C SER C 251 45.50 -7.19 3.03
N SER C 252 44.86 -8.37 2.92
CA SER C 252 45.52 -9.63 2.57
C SER C 252 45.98 -9.62 1.09
N TYR C 253 45.18 -9.01 0.19
CA TYR C 253 45.53 -8.94 -1.23
C TYR C 253 46.69 -8.01 -1.49
N LEU C 254 46.70 -6.85 -0.82
CA LEU C 254 47.76 -5.85 -0.96
C LEU C 254 49.10 -6.33 -0.46
N THR C 255 49.10 -7.21 0.57
CA THR C 255 50.31 -7.78 1.16
C THR C 255 50.70 -9.12 0.49
N SER C 256 49.93 -9.57 -0.51
CA SER C 256 50.19 -10.82 -1.25
C SER C 256 51.25 -10.59 -2.36
N PRO C 257 51.89 -11.65 -2.95
CA PRO C 257 52.86 -11.41 -4.04
C PRO C 257 52.27 -10.78 -5.29
N ASP C 258 50.93 -10.82 -5.46
CA ASP C 258 50.21 -10.22 -6.58
C ASP C 258 50.43 -8.70 -6.66
N VAL C 259 50.48 -8.04 -5.48
CA VAL C 259 50.73 -6.60 -5.29
C VAL C 259 52.17 -6.43 -4.79
N GLY C 260 52.45 -6.86 -3.55
CA GLY C 260 53.81 -6.82 -3.03
C GLY C 260 54.11 -6.09 -1.73
N PHE C 261 53.14 -5.39 -1.11
CA PHE C 261 53.36 -4.67 0.16
C PHE C 261 53.86 -5.58 1.32
N SER C 262 54.98 -5.20 1.94
CA SER C 262 55.63 -5.95 3.04
C SER C 262 54.84 -6.06 4.33
N SER C 263 54.09 -4.99 4.69
CA SER C 263 53.31 -4.92 5.94
C SER C 263 52.19 -3.88 5.83
N TYR C 264 51.28 -3.86 6.83
CA TYR C 264 50.21 -2.88 6.92
C TYR C 264 49.88 -2.55 8.37
N GLU C 265 49.15 -1.44 8.59
CA GLU C 265 48.75 -1.00 9.93
C GLU C 265 47.49 -0.14 9.88
N LEU C 266 46.70 -0.16 10.95
CA LEU C 266 45.48 0.64 11.08
C LEU C 266 45.83 1.94 11.82
N VAL C 267 45.34 3.08 11.31
CA VAL C 267 45.57 4.42 11.88
C VAL C 267 44.38 4.79 12.78
N ALA C 268 44.67 5.16 14.06
CA ALA C 268 43.69 5.54 15.09
N ARG C 279 35.20 6.29 8.06
CA ARG C 279 35.76 5.03 7.59
C ARG C 279 37.18 4.79 8.17
N PRO C 280 37.63 3.51 8.34
CA PRO C 280 39.00 3.27 8.84
C PRO C 280 40.08 3.62 7.81
N VAL C 281 41.25 4.04 8.31
CA VAL C 281 42.40 4.42 7.50
C VAL C 281 43.57 3.46 7.79
N TYR C 282 44.22 2.99 6.72
CA TYR C 282 45.33 2.03 6.78
C TYR C 282 46.58 2.56 6.11
N LEU C 283 47.75 2.05 6.51
CA LEU C 283 49.06 2.38 5.94
C LEU C 283 49.67 1.07 5.45
N PHE C 284 50.03 0.99 4.16
CA PHE C 284 50.65 -0.17 3.53
C PHE C 284 52.11 0.18 3.23
N HIS C 285 53.05 -0.68 3.65
CA HIS C 285 54.48 -0.41 3.50
C HIS C 285 55.18 -1.21 2.41
N LYS C 286 56.04 -0.51 1.64
CA LYS C 286 56.89 -1.11 0.60
C LYS C 286 58.31 -1.21 1.17
N ALA C 287 58.89 -2.43 1.11
CA ALA C 287 60.22 -2.79 1.62
C ALA C 287 61.30 -1.85 1.12
N ARG C 288 62.27 -1.55 2.00
CA ARG C 288 63.40 -0.63 1.75
C ARG C 288 64.51 -1.27 0.88
N SER C 289 65.25 -0.43 0.14
CA SER C 289 66.34 -0.83 -0.74
N LYS D 15 34.98 25.16 -20.68
CA LYS D 15 34.74 26.48 -20.12
C LYS D 15 33.50 26.55 -19.16
N PHE D 16 33.70 27.34 -18.10
CA PHE D 16 32.91 27.68 -16.94
C PHE D 16 32.57 29.16 -17.19
N GLN D 17 31.81 29.38 -18.28
CA GLN D 17 31.42 30.69 -18.82
C GLN D 17 30.48 31.48 -17.95
N TYR D 18 29.77 30.80 -17.04
CA TYR D 18 28.84 31.44 -16.11
C TYR D 18 29.52 31.61 -14.76
N GLY D 19 30.83 31.32 -14.71
CA GLY D 19 31.63 31.33 -13.50
C GLY D 19 31.26 30.13 -12.65
N ASN D 20 30.73 29.08 -13.32
CA ASN D 20 30.14 27.88 -12.77
C ASN D 20 31.12 26.75 -12.45
N TYR D 21 32.09 27.02 -11.59
CA TYR D 21 32.97 25.98 -11.08
C TYR D 21 32.79 25.99 -9.58
N CYS D 22 33.24 24.92 -8.90
CA CYS D 22 33.08 24.75 -7.47
C CYS D 22 33.94 25.69 -6.64
N LYS D 23 33.31 26.69 -6.02
CA LYS D 23 33.92 27.76 -5.23
C LYS D 23 33.76 27.56 -3.71
N TYR D 24 34.88 27.37 -2.98
CA TYR D 24 34.89 27.15 -1.52
N GLU D 33 34.36 28.19 7.29
CA GLU D 33 33.25 29.12 7.44
C GLU D 33 33.52 30.42 6.69
N ASP D 34 32.61 30.79 5.76
CA ASP D 34 32.74 31.94 4.86
C ASP D 34 32.83 33.30 5.57
N GLY D 35 33.88 34.04 5.22
CA GLY D 35 34.17 35.38 5.75
C GLY D 35 33.05 36.40 5.62
N ARG D 36 32.16 36.17 4.62
CA ARG D 36 31.00 37.00 4.32
C ARG D 36 29.95 37.02 5.46
N LEU D 37 29.93 36.00 6.36
CA LEU D 37 28.99 35.99 7.50
C LEU D 37 29.33 37.07 8.54
N ARG D 38 30.58 37.58 8.51
CA ARG D 38 31.06 38.66 9.39
C ARG D 38 30.54 40.02 8.87
N VAL D 39 30.27 40.13 7.57
CA VAL D 39 29.72 41.34 6.95
C VAL D 39 28.18 41.30 6.89
N LEU D 40 27.58 40.11 6.71
CA LEU D 40 26.12 39.97 6.67
C LEU D 40 25.55 39.99 8.08
N LYS D 41 24.41 40.67 8.27
CA LYS D 41 23.76 40.79 9.59
C LYS D 41 22.67 39.73 9.77
N PRO D 42 22.67 38.98 10.90
CA PRO D 42 21.66 37.93 11.11
C PRO D 42 20.19 38.39 11.02
N GLU D 43 19.89 39.59 11.56
CA GLU D 43 18.56 40.25 11.56
C GLU D 43 17.93 40.40 10.13
N TRP D 44 18.76 40.42 9.10
CA TRP D 44 18.30 40.51 7.72
C TRP D 44 17.59 39.18 7.31
N PHE D 45 18.02 38.05 7.93
CA PHE D 45 17.61 36.69 7.58
C PHE D 45 16.64 35.97 8.52
N ARG D 46 16.77 36.12 9.87
CA ARG D 46 15.94 35.45 10.89
C ARG D 46 14.44 35.57 10.61
N GLY D 47 13.77 34.42 10.41
CA GLY D 47 12.34 34.31 10.12
C GLY D 47 11.88 34.90 8.80
N ARG D 48 12.83 35.22 7.89
CA ARG D 48 12.55 35.80 6.57
C ARG D 48 12.69 34.73 5.45
N ASP D 49 12.10 35.01 4.27
CA ASP D 49 12.20 34.16 3.07
C ASP D 49 13.32 34.69 2.19
N VAL D 50 14.32 33.84 1.94
CA VAL D 50 15.55 34.18 1.25
C VAL D 50 15.72 33.36 -0.04
N LEU D 51 16.18 34.05 -1.12
CA LEU D 51 16.54 33.47 -2.41
C LEU D 51 18.05 33.78 -2.62
N ASP D 52 18.89 32.76 -2.74
CA ASP D 52 20.31 32.91 -2.99
C ASP D 52 20.59 32.62 -4.48
N LEU D 53 20.70 33.71 -5.27
CA LEU D 53 20.94 33.67 -6.71
C LEU D 53 22.38 33.28 -7.00
N GLY D 54 22.55 32.27 -7.85
CA GLY D 54 23.86 31.73 -8.18
C GLY D 54 24.53 31.15 -6.95
N CYS D 55 23.83 30.26 -6.24
CA CYS D 55 24.25 29.67 -4.98
C CYS D 55 25.53 28.82 -5.06
N ASN D 56 25.90 28.35 -6.27
CA ASN D 56 27.07 27.51 -6.47
C ASN D 56 26.89 26.19 -5.67
N VAL D 57 27.91 25.75 -4.90
CA VAL D 57 27.84 24.52 -4.11
C VAL D 57 27.05 24.73 -2.80
N GLY D 58 26.52 25.94 -2.63
CA GLY D 58 25.63 26.34 -1.55
C GLY D 58 26.18 26.43 -0.14
N HIS D 59 27.52 26.61 0.03
CA HIS D 59 28.09 26.73 1.39
C HIS D 59 27.48 27.88 2.20
N LEU D 60 27.27 29.05 1.55
CA LEU D 60 26.64 30.21 2.17
C LEU D 60 25.16 29.99 2.43
N THR D 61 24.48 29.33 1.48
CA THR D 61 23.05 28.99 1.56
C THR D 61 22.82 28.20 2.81
N LEU D 62 23.65 27.14 3.03
CA LEU D 62 23.57 26.23 4.17
C LEU D 62 24.00 26.89 5.47
N SER D 63 25.01 27.76 5.44
CA SER D 63 25.48 28.49 6.61
C SER D 63 24.41 29.43 7.13
N ILE D 64 23.77 30.23 6.23
CA ILE D 64 22.70 31.14 6.63
C ILE D 64 21.49 30.36 7.12
N ALA D 65 21.08 29.31 6.37
CA ALA D 65 19.91 28.49 6.67
C ALA D 65 20.01 27.84 8.05
N CYS D 66 21.21 27.37 8.38
CA CYS D 66 21.53 26.75 9.64
C CYS D 66 21.66 27.76 10.79
N LYS D 67 22.71 28.61 10.73
CA LYS D 67 23.06 29.58 11.77
C LYS D 67 22.01 30.64 12.05
N TRP D 68 21.34 31.20 11.03
CA TRP D 68 20.47 32.36 11.23
C TRP D 68 18.98 32.18 11.08
N GLY D 69 18.52 30.95 11.00
CA GLY D 69 17.11 30.59 10.94
C GLY D 69 16.19 31.33 9.99
N PRO D 70 16.42 31.37 8.66
CA PRO D 70 15.39 31.97 7.78
C PRO D 70 14.18 31.02 7.73
N SER D 71 12.96 31.59 7.56
CA SER D 71 11.75 30.77 7.46
C SER D 71 11.75 29.89 6.17
N ARG D 72 12.37 30.38 5.10
CA ARG D 72 12.53 29.65 3.84
C ARG D 72 13.83 30.16 3.19
N VAL D 74 16.00 29.32 -0.44
CA VAL D 74 16.11 28.68 -1.74
C VAL D 74 17.43 29.07 -2.38
N GLY D 75 18.21 28.08 -2.77
CA GLY D 75 19.43 28.27 -3.51
C GLY D 75 19.19 27.96 -4.98
N LEU D 76 19.41 28.95 -5.86
CA LEU D 76 19.23 28.80 -7.31
C LEU D 76 20.55 28.89 -8.08
N ASP D 77 20.79 27.95 -8.99
CA ASP D 77 21.97 27.96 -9.87
C ASP D 77 21.64 27.41 -11.26
N ILE D 78 22.24 28.00 -12.29
CA ILE D 78 22.03 27.60 -13.69
C ILE D 78 22.56 26.17 -13.97
N ASP D 79 23.65 25.78 -13.23
CA ASP D 79 24.43 24.56 -13.37
C ASP D 79 23.93 23.48 -12.44
N SER D 80 23.40 22.39 -13.01
CA SER D 80 22.87 21.26 -12.22
C SER D 80 23.94 20.45 -11.51
N ARG D 81 25.20 20.52 -11.98
CA ARG D 81 26.29 19.78 -11.33
C ARG D 81 26.59 20.43 -9.98
N LEU D 82 26.49 21.77 -9.92
CA LEU D 82 26.69 22.52 -8.67
C LEU D 82 25.53 22.33 -7.71
N ILE D 83 24.30 22.12 -8.24
CA ILE D 83 23.09 21.91 -7.46
C ILE D 83 23.12 20.49 -6.82
N HIS D 84 23.55 19.46 -7.58
CA HIS D 84 23.71 18.11 -7.07
C HIS D 84 24.66 18.13 -5.87
N SER D 85 25.82 18.75 -6.07
CA SER D 85 26.85 18.90 -5.06
C SER D 85 26.29 19.61 -3.80
N ALA D 86 25.49 20.66 -4.00
CA ALA D 86 24.87 21.45 -2.93
C ALA D 86 23.96 20.61 -2.05
N ARG D 87 23.21 19.67 -2.68
CA ARG D 87 22.25 18.77 -2.05
C ARG D 87 22.98 17.73 -1.25
N GLN D 88 24.13 17.24 -1.76
CA GLN D 88 24.99 16.26 -1.10
C GLN D 88 25.69 16.88 0.11
N ASN D 89 25.92 18.20 0.06
CA ASN D 89 26.59 18.95 1.13
C ASN D 89 25.74 19.14 2.39
N ILE D 90 24.41 18.90 2.31
CA ILE D 90 23.52 19.06 3.47
C ILE D 90 24.01 18.18 4.65
N ARG D 91 24.50 16.95 4.36
CA ARG D 91 25.05 15.98 5.33
C ARG D 91 26.19 16.57 6.18
N HIS D 92 27.06 17.40 5.57
CA HIS D 92 28.19 18.05 6.28
C HIS D 92 27.75 19.10 7.31
N TYR D 93 26.54 19.64 7.17
CA TYR D 93 25.99 20.62 8.11
C TYR D 93 25.19 19.93 9.25
N LEU D 94 24.96 18.61 9.11
CA LEU D 94 24.23 17.83 10.10
C LEU D 94 25.18 17.01 10.96
N VAL D 142 16.55 21.51 15.80
CA VAL D 142 16.08 20.35 15.02
C VAL D 142 14.56 20.44 14.67
N PRO D 143 14.19 20.17 13.37
CA PRO D 143 12.76 20.16 13.01
C PRO D 143 12.01 19.02 13.70
N LEU D 144 10.71 19.22 13.96
CA LEU D 144 9.90 18.22 14.64
C LEU D 144 9.65 16.98 13.77
N ASP D 145 9.55 17.21 12.44
CA ASP D 145 9.27 16.18 11.43
C ASP D 145 9.22 16.89 10.08
N GLY D 146 8.76 16.19 9.04
CA GLY D 146 8.67 16.71 7.66
C GLY D 146 7.66 17.81 7.48
N ALA D 147 6.67 17.86 8.37
CA ALA D 147 5.63 18.90 8.35
C ALA D 147 6.16 20.20 8.97
N ASP D 148 7.33 20.15 9.62
CA ASP D 148 8.00 21.31 10.22
C ASP D 148 9.13 21.75 9.29
N THR D 149 8.89 22.76 8.47
CA THR D 149 9.91 23.30 7.54
C THR D 149 10.50 24.64 8.03
N SER D 150 10.38 24.92 9.31
CA SER D 150 10.84 26.19 9.90
C SER D 150 12.29 26.19 10.38
N VAL D 151 12.88 25.01 10.61
CA VAL D 151 14.23 24.82 11.13
C VAL D 151 15.06 24.01 10.13
N PHE D 152 16.38 24.25 10.13
CA PHE D 152 17.36 23.53 9.32
C PHE D 152 17.35 22.04 9.68
N PRO D 153 17.41 21.07 8.72
CA PRO D 153 17.60 21.24 7.27
C PRO D 153 16.32 21.35 6.44
N ASN D 154 15.17 21.43 7.11
CA ASN D 154 13.86 21.49 6.47
C ASN D 154 13.46 22.86 5.91
N ASN D 155 14.27 23.91 6.09
CA ASN D 155 13.99 25.25 5.58
C ASN D 155 14.79 25.59 4.32
N VAL D 156 15.58 24.62 3.80
CA VAL D 156 16.42 24.85 2.63
C VAL D 156 16.12 23.84 1.49
N VAL D 157 16.07 24.36 0.23
CA VAL D 157 15.91 23.62 -1.04
C VAL D 157 16.80 24.27 -2.08
N PHE D 158 17.25 23.47 -3.06
CA PHE D 158 18.09 23.90 -4.17
C PHE D 158 17.33 23.67 -5.47
N VAL D 159 17.45 24.61 -6.43
CA VAL D 159 16.76 24.52 -7.71
C VAL D 159 17.70 24.96 -8.81
N THR D 160 17.72 24.19 -9.90
CA THR D 160 18.49 24.46 -11.10
C THR D 160 17.64 25.41 -11.98
N GLY D 161 18.26 26.44 -12.51
CA GLY D 161 17.54 27.34 -13.40
C GLY D 161 18.29 28.60 -13.72
N ASN D 162 17.88 29.23 -14.82
CA ASN D 162 18.43 30.51 -15.26
C ASN D 162 17.46 31.56 -14.78
N TYR D 163 17.92 32.44 -13.90
CA TYR D 163 17.08 33.50 -13.34
C TYR D 163 16.73 34.57 -14.38
N VAL D 164 17.52 34.65 -15.45
CA VAL D 164 17.34 35.61 -16.54
C VAL D 164 16.25 35.11 -17.50
N LEU D 165 15.13 35.84 -17.51
CA LEU D 165 14.01 35.58 -18.40
C LEU D 165 14.31 36.24 -19.75
N ASP D 166 13.77 35.68 -20.86
CA ASP D 166 14.05 36.14 -22.22
C ASP D 166 13.51 37.52 -22.60
N ARG D 167 12.28 37.84 -22.16
CA ARG D 167 11.58 39.08 -22.50
C ARG D 167 11.15 39.87 -21.28
N ASP D 168 10.89 41.19 -21.46
CA ASP D 168 10.42 42.11 -20.42
C ASP D 168 9.01 41.79 -19.95
N ASP D 169 8.15 41.24 -20.83
CA ASP D 169 6.76 40.89 -20.48
C ASP D 169 6.70 39.69 -19.51
N LEU D 170 7.73 38.82 -19.56
CA LEU D 170 7.89 37.66 -18.69
C LEU D 170 8.29 38.16 -17.31
N VAL D 171 9.27 39.09 -17.24
CA VAL D 171 9.75 39.71 -16.00
C VAL D 171 8.58 40.36 -15.23
N GLU D 172 7.67 41.01 -15.96
CA GLU D 172 6.48 41.68 -15.42
C GLU D 172 5.43 40.71 -14.91
N ALA D 173 5.55 39.41 -15.24
CA ALA D 173 4.62 38.37 -14.75
C ALA D 173 5.04 37.82 -13.39
N GLN D 174 6.26 38.17 -12.91
CA GLN D 174 6.80 37.75 -11.62
C GLN D 174 6.11 38.46 -10.45
N THR D 175 5.52 37.67 -9.58
CA THR D 175 4.80 38.15 -8.39
C THR D 175 5.70 37.95 -7.16
N PRO D 176 5.55 38.78 -6.08
CA PRO D 176 6.46 38.62 -4.93
C PRO D 176 6.38 37.30 -4.18
N GLU D 177 7.55 36.84 -3.68
CA GLU D 177 7.69 35.60 -2.87
C GLU D 177 8.78 35.72 -1.80
N TYR D 178 9.75 36.65 -1.93
CA TYR D 178 10.87 36.70 -0.99
C TYR D 178 10.97 38.03 -0.21
N ASP D 179 11.70 37.97 0.92
CA ASP D 179 11.97 39.12 1.79
C ASP D 179 13.40 39.60 1.57
N VAL D 180 14.28 38.67 1.11
CA VAL D 180 15.71 38.88 0.87
C VAL D 180 16.11 38.12 -0.36
N VAL D 181 16.91 38.79 -1.20
CA VAL D 181 17.52 38.21 -2.38
C VAL D 181 19.01 38.47 -2.25
N LEU D 182 19.81 37.39 -2.30
CA LEU D 182 21.26 37.48 -2.26
C LEU D 182 21.76 37.35 -3.68
N CYS D 183 22.44 38.38 -4.17
CA CYS D 183 23.01 38.44 -5.52
C CYS D 183 24.48 38.82 -5.34
N LEU D 184 25.28 37.83 -4.95
CA LEU D 184 26.69 37.98 -4.59
C LEU D 184 27.59 37.40 -5.66
N SER D 185 28.46 38.24 -6.28
CA SER D 185 29.44 37.86 -7.33
C SER D 185 28.76 37.25 -8.56
N LEU D 186 27.55 37.73 -8.91
CA LEU D 186 26.75 37.19 -10.00
C LEU D 186 26.61 38.13 -11.19
N THR D 187 26.48 39.44 -10.94
CA THR D 187 26.28 40.50 -11.93
C THR D 187 27.17 40.41 -13.15
N LYS D 188 28.50 40.13 -12.98
CA LYS D 188 29.46 40.05 -14.11
C LYS D 188 29.10 38.91 -15.07
N TRP D 189 28.83 37.73 -14.54
CA TRP D 189 28.48 36.53 -15.29
C TRP D 189 27.19 36.69 -16.07
N VAL D 190 26.21 37.37 -15.47
CA VAL D 190 24.93 37.65 -16.12
C VAL D 190 25.11 38.71 -17.21
N HIS D 191 25.92 39.74 -16.92
CA HIS D 191 26.24 40.86 -17.80
C HIS D 191 26.95 40.41 -19.06
N LEU D 192 27.95 39.54 -18.90
CA LEU D 192 28.75 39.03 -20.01
C LEU D 192 28.01 38.05 -20.90
N ASN D 193 27.20 37.16 -20.29
CA ASN D 193 26.45 36.15 -21.04
C ASN D 193 25.14 36.62 -21.65
N TRP D 194 24.47 37.63 -21.03
CA TRP D 194 23.17 38.12 -21.49
C TRP D 194 23.10 39.67 -21.73
N GLY D 195 24.23 40.38 -21.65
CA GLY D 195 24.32 41.82 -21.85
C GLY D 195 23.57 42.69 -20.85
N ASP D 196 23.54 44.02 -21.11
CA ASP D 196 22.82 45.04 -20.31
C ASP D 196 21.35 44.65 -20.20
N GLU D 197 20.75 44.23 -21.35
CA GLU D 197 19.34 43.82 -21.46
C GLU D 197 18.99 42.71 -20.47
N GLY D 198 19.84 41.69 -20.39
CA GLY D 198 19.67 40.55 -19.48
C GLY D 198 19.83 40.91 -18.02
N LEU D 199 20.84 41.74 -17.72
CA LEU D 199 21.13 42.22 -16.36
C LEU D 199 20.00 43.10 -15.83
N LYS D 200 19.46 43.98 -16.70
CA LYS D 200 18.34 44.88 -16.38
C LYS D 200 17.14 44.02 -16.02
N ARG D 201 16.94 42.91 -16.76
CA ARG D 201 15.87 41.94 -16.53
C ARG D 201 16.06 41.17 -15.24
N PHE D 203 17.78 42.38 -12.49
CA PHE D 203 17.54 43.43 -11.50
C PHE D 203 16.05 43.71 -11.30
N ARG D 204 15.29 43.86 -12.41
CA ARG D 204 13.85 44.14 -12.39
C ARG D 204 13.08 42.93 -11.84
N ARG D 205 13.54 41.69 -12.16
CA ARG D 205 12.95 40.47 -11.62
C ARG D 205 13.15 40.42 -10.12
N ILE D 206 14.39 40.68 -9.62
CA ILE D 206 14.68 40.69 -8.17
C ILE D 206 13.69 41.64 -7.46
N TYR D 207 13.54 42.88 -7.97
CA TYR D 207 12.62 43.86 -7.42
C TYR D 207 11.18 43.30 -7.31
N ARG D 208 10.67 42.73 -8.43
CA ARG D 208 9.33 42.15 -8.54
C ARG D 208 9.12 40.90 -7.70
N HIS D 209 10.19 40.11 -7.51
CA HIS D 209 10.16 38.89 -6.69
C HIS D 209 10.14 39.22 -5.20
N LEU D 210 10.69 40.39 -4.83
CA LEU D 210 10.74 40.88 -3.46
C LEU D 210 9.40 41.45 -3.04
N ARG D 211 9.02 41.20 -1.79
CA ARG D 211 7.78 41.72 -1.18
C ARG D 211 8.04 43.16 -0.66
N PRO D 212 6.98 44.00 -0.48
CA PRO D 212 7.19 45.34 0.13
C PRO D 212 7.96 45.20 1.45
N GLY D 213 8.99 46.01 1.62
CA GLY D 213 9.84 45.94 2.80
C GLY D 213 11.06 45.05 2.58
N GLY D 214 11.13 44.42 1.41
CA GLY D 214 12.21 43.51 1.01
C GLY D 214 13.55 44.17 0.79
N ILE D 215 14.62 43.36 0.82
CA ILE D 215 15.99 43.80 0.61
C ILE D 215 16.74 42.94 -0.40
N LEU D 216 17.61 43.57 -1.17
CA LEU D 216 18.49 42.93 -2.11
C LEU D 216 19.90 43.15 -1.56
N VAL D 217 20.64 42.05 -1.34
CA VAL D 217 22.04 42.11 -0.92
C VAL D 217 22.87 41.94 -2.20
N LEU D 218 23.56 42.99 -2.63
CA LEU D 218 24.34 43.00 -3.88
C LEU D 218 25.83 43.15 -3.63
N GLU D 219 26.64 42.24 -4.20
CA GLU D 219 28.10 42.25 -4.12
C GLU D 219 28.56 42.22 -5.62
N PRO D 220 28.60 43.38 -6.32
CA PRO D 220 28.96 43.35 -7.75
C PRO D 220 30.45 43.35 -8.02
N GLN D 221 30.86 42.78 -9.18
CA GLN D 221 32.27 42.78 -9.60
C GLN D 221 32.57 44.12 -10.26
N PRO D 222 33.78 44.70 -10.08
CA PRO D 222 34.08 45.98 -10.76
C PRO D 222 34.30 45.77 -12.26
N TRP D 223 34.21 46.85 -13.09
CA TRP D 223 34.39 46.77 -14.55
C TRP D 223 35.74 46.18 -14.93
N SER D 224 36.76 46.45 -14.08
CA SER D 224 38.14 45.95 -14.17
C SER D 224 38.20 44.41 -14.31
N SER D 225 37.28 43.69 -13.65
CA SER D 225 37.15 42.22 -13.63
C SER D 225 36.60 41.64 -14.95
N TYR D 226 35.90 42.47 -15.75
CA TYR D 226 35.26 42.06 -17.01
C TYR D 226 36.22 41.71 -18.13
N GLY D 227 37.25 42.55 -18.32
CA GLY D 227 38.27 42.43 -19.35
C GLY D 227 38.95 41.08 -19.41
N LYS D 228 39.45 40.60 -18.27
CA LYS D 228 40.11 39.30 -18.13
C LYS D 228 39.14 38.23 -18.60
N ARG D 229 39.56 37.44 -19.59
CA ARG D 229 38.79 36.33 -20.18
C ARG D 229 37.50 36.78 -20.94
N LYS D 230 37.58 37.96 -21.63
CA LYS D 230 36.51 38.49 -22.49
C LYS D 230 36.39 37.65 -23.78
N THR D 231 37.33 36.71 -23.94
CA THR D 231 37.48 35.87 -25.11
C THR D 231 37.07 34.42 -24.83
N LEU D 232 36.30 34.20 -23.75
CA LEU D 232 35.76 32.89 -23.37
C LEU D 232 34.81 32.38 -24.45
N THR D 233 33.79 33.19 -24.78
CA THR D 233 32.80 32.88 -25.81
C THR D 233 32.67 34.03 -26.77
N GLU D 234 32.12 33.81 -27.97
CA GLU D 234 31.91 34.85 -28.97
C GLU D 234 30.82 35.82 -28.47
N THR D 235 29.85 35.27 -27.71
CA THR D 235 28.73 35.95 -27.08
C THR D 235 29.27 36.90 -26.00
N ILE D 236 30.20 36.40 -25.14
CA ILE D 236 30.83 37.17 -24.06
C ILE D 236 31.62 38.35 -24.61
N TYR D 237 32.33 38.12 -25.74
CA TYR D 237 33.12 39.12 -26.45
C TYR D 237 32.24 40.21 -27.05
N LYS D 238 31.16 39.83 -27.76
CA LYS D 238 30.22 40.78 -28.35
C LYS D 238 29.56 41.67 -27.28
N ASN D 239 29.25 41.07 -26.13
CA ASN D 239 28.64 41.76 -24.98
C ASN D 239 29.61 42.68 -24.24
N TYR D 240 30.89 42.27 -24.06
CA TYR D 240 31.89 43.11 -23.40
C TYR D 240 32.04 44.47 -24.09
N TYR D 241 31.91 44.50 -25.42
CA TYR D 241 32.03 45.73 -26.20
C TYR D 241 30.70 46.45 -26.44
N ARG D 242 29.57 45.83 -26.06
CA ARG D 242 28.23 46.43 -26.21
C ARG D 242 27.67 47.02 -24.89
N ILE D 243 28.23 46.65 -23.72
CA ILE D 243 27.79 47.12 -22.38
C ILE D 243 27.95 48.65 -22.18
N GLN D 244 26.89 49.32 -21.70
CA GLN D 244 26.84 50.75 -21.39
C GLN D 244 26.51 50.98 -19.90
N LEU D 245 25.71 50.08 -19.29
CA LEU D 245 25.42 50.18 -17.86
C LEU D 245 26.61 49.52 -17.16
N LYS D 246 27.47 50.34 -16.58
CA LYS D 246 28.70 49.91 -15.94
C LYS D 246 28.46 49.64 -14.43
N PRO D 247 29.25 48.74 -13.77
CA PRO D 247 29.08 48.49 -12.32
C PRO D 247 28.95 49.73 -11.42
N GLU D 248 29.73 50.78 -11.73
CA GLU D 248 29.76 52.07 -11.04
C GLU D 248 28.41 52.81 -11.10
N GLN D 249 27.54 52.46 -12.09
CA GLN D 249 26.23 53.06 -12.32
C GLN D 249 25.07 52.21 -11.79
N PHE D 250 25.37 51.00 -11.26
CA PHE D 250 24.36 50.04 -10.76
C PHE D 250 23.48 50.63 -9.68
N SER D 251 24.05 51.38 -8.73
CA SER D 251 23.29 51.91 -7.61
C SER D 251 22.20 52.90 -8.06
N SER D 252 22.54 53.80 -9.01
CA SER D 252 21.64 54.79 -9.58
C SER D 252 20.56 54.12 -10.44
N TYR D 253 20.90 53.02 -11.18
CA TYR D 253 19.95 52.33 -12.01
C TYR D 253 18.93 51.57 -11.18
N LEU D 254 19.39 50.89 -10.12
CA LEU D 254 18.53 50.11 -9.22
C LEU D 254 17.53 50.97 -8.45
N THR D 255 17.90 52.21 -8.14
CA THR D 255 17.03 53.16 -7.44
C THR D 255 16.18 54.01 -8.44
N SER D 256 16.35 53.80 -9.75
CA SER D 256 15.61 54.52 -10.80
C SER D 256 14.19 53.92 -11.01
N PRO D 257 13.22 54.62 -11.70
CA PRO D 257 11.89 54.02 -11.94
C PRO D 257 11.93 52.73 -12.77
N ASP D 258 13.03 52.50 -13.52
CA ASP D 258 13.22 51.30 -14.35
C ASP D 258 13.19 50.02 -13.52
N VAL D 259 13.78 50.07 -12.32
CA VAL D 259 13.83 48.98 -11.34
C VAL D 259 12.82 49.28 -10.22
N GLY D 260 13.08 50.32 -9.42
CA GLY D 260 12.13 50.73 -8.39
C GLY D 260 12.56 50.76 -6.94
N PHE D 261 13.81 50.36 -6.59
CA PHE D 261 14.29 50.38 -5.19
C PHE D 261 14.26 51.80 -4.59
N SER D 262 13.64 51.93 -3.42
CA SER D 262 13.46 53.21 -2.73
C SER D 262 14.74 53.84 -2.21
N SER D 263 15.74 53.02 -1.83
CA SER D 263 16.99 53.48 -1.19
C SER D 263 18.07 52.40 -1.25
N TYR D 264 19.32 52.78 -0.98
CA TYR D 264 20.44 51.85 -0.91
C TYR D 264 21.46 52.28 0.14
N GLU D 265 22.35 51.35 0.53
CA GLU D 265 23.40 51.62 1.50
C GLU D 265 24.59 50.70 1.30
N LEU D 266 25.79 51.18 1.65
CA LEU D 266 27.02 50.38 1.58
C LEU D 266 27.24 49.71 2.96
N VAL D 267 27.57 48.41 2.96
CA VAL D 267 27.81 47.61 4.16
C VAL D 267 29.30 47.54 4.45
N ALA D 268 29.69 47.89 5.71
CA ALA D 268 31.08 47.91 6.18
N ARG D 279 35.36 42.51 -2.48
CA ARG D 279 34.45 43.41 -3.18
C ARG D 279 33.46 44.13 -2.22
N PRO D 280 32.97 45.36 -2.55
CA PRO D 280 32.00 46.02 -1.66
C PRO D 280 30.60 45.39 -1.73
N VAL D 281 29.88 45.47 -0.61
CA VAL D 281 28.54 44.90 -0.46
C VAL D 281 27.53 46.03 -0.20
N TYR D 282 26.39 45.97 -0.90
CA TYR D 282 25.31 46.96 -0.82
C TYR D 282 23.97 46.34 -0.45
N LEU D 283 23.09 47.13 0.15
CA LEU D 283 21.72 46.75 0.52
C LEU D 283 20.77 47.70 -0.23
N PHE D 284 19.84 47.14 -1.00
CA PHE D 284 18.84 47.89 -1.76
C PHE D 284 17.48 47.62 -1.11
N HIS D 285 16.75 48.69 -0.78
CA HIS D 285 15.47 48.57 -0.06
C HIS D 285 14.22 48.78 -0.94
N LYS D 286 13.21 47.93 -0.73
CA LYS D 286 11.91 48.03 -1.40
C LYS D 286 10.93 48.59 -0.35
N ALA D 287 10.23 49.68 -0.72
CA ALA D 287 9.25 50.41 0.11
C ALA D 287 8.19 49.50 0.71
N ARG D 288 7.79 49.78 1.97
CA ARG D 288 6.80 49.02 2.75
C ARG D 288 5.36 49.26 2.32
N SER D 289 4.47 48.28 2.55
CA SER D 289 3.05 48.37 2.20
N PHE E 16 6.33 0.00 -6.04
CA PHE E 16 5.35 0.12 -7.14
C PHE E 16 5.89 -0.47 -8.46
N GLN E 17 6.58 -1.61 -8.32
CA GLN E 17 7.27 -2.36 -9.37
C GLN E 17 6.34 -3.00 -10.34
N TYR E 18 5.08 -3.11 -9.95
CA TYR E 18 4.04 -3.71 -10.80
C TYR E 18 3.20 -2.61 -11.49
N GLY E 19 3.53 -1.33 -11.22
CA GLY E 19 2.81 -0.14 -11.62
C GLY E 19 1.65 0.07 -10.68
N ASN E 20 1.73 -0.58 -9.51
CA ASN E 20 0.69 -0.69 -8.50
C ASN E 20 0.54 0.51 -7.54
N TYR E 21 0.31 1.67 -8.09
CA TYR E 21 -0.05 2.84 -7.29
C TYR E 21 -1.41 3.27 -7.79
N CYS E 22 -2.12 4.10 -7.02
CA CYS E 22 -3.46 4.52 -7.36
C CYS E 22 -3.54 5.49 -8.54
N LYS E 23 -4.03 4.97 -9.69
CA LYS E 23 -4.14 5.67 -10.97
C LYS E 23 -5.57 6.12 -11.27
N TYR E 24 -5.74 7.45 -11.47
CA TYR E 24 -7.03 8.05 -11.84
C TYR E 24 -6.89 8.78 -13.16
N TYR E 25 -7.97 8.76 -14.00
CA TYR E 25 -7.99 9.48 -15.28
C TYR E 25 -8.93 10.71 -15.23
N GLU E 33 -15.58 9.76 -16.27
CA GLU E 33 -15.82 9.09 -17.56
C GLU E 33 -14.53 9.01 -18.40
N ASP E 34 -13.82 7.85 -18.30
CA ASP E 34 -12.55 7.55 -18.99
C ASP E 34 -12.67 7.55 -20.51
N GLY E 35 -11.77 8.30 -21.15
CA GLY E 35 -11.69 8.45 -22.61
C GLY E 35 -11.58 7.16 -23.40
N ARG E 36 -11.11 6.06 -22.74
CA ARG E 36 -10.99 4.72 -23.33
C ARG E 36 -12.33 4.09 -23.76
N LEU E 37 -13.46 4.56 -23.17
CA LEU E 37 -14.80 4.09 -23.53
C LEU E 37 -15.22 4.54 -24.94
N ARG E 38 -14.54 5.58 -25.47
CA ARG E 38 -14.78 6.08 -26.82
C ARG E 38 -14.11 5.15 -27.85
N VAL E 39 -13.04 4.44 -27.46
CA VAL E 39 -12.35 3.48 -28.34
C VAL E 39 -12.95 2.06 -28.20
N LEU E 40 -13.40 1.67 -27.00
CA LEU E 40 -14.00 0.35 -26.75
C LEU E 40 -15.44 0.34 -27.26
N LYS E 41 -15.85 -0.77 -27.90
CA LYS E 41 -17.19 -0.93 -28.49
C LYS E 41 -18.15 -1.59 -27.49
N PRO E 42 -19.36 -1.01 -27.24
CA PRO E 42 -20.32 -1.63 -26.28
C PRO E 42 -20.69 -3.07 -26.57
N GLU E 43 -20.85 -3.42 -27.85
CA GLU E 43 -21.19 -4.77 -28.35
C GLU E 43 -20.22 -5.87 -27.86
N TRP E 44 -18.99 -5.49 -27.56
CA TRP E 44 -17.98 -6.44 -27.06
C TRP E 44 -18.35 -6.92 -25.64
N PHE E 45 -19.06 -6.05 -24.86
CA PHE E 45 -19.37 -6.22 -23.46
C PHE E 45 -20.82 -6.59 -23.10
N ARG E 46 -21.89 -5.99 -23.75
CA ARG E 46 -23.31 -6.23 -23.43
C ARG E 46 -23.69 -7.69 -23.32
N GLY E 47 -24.10 -8.13 -22.11
CA GLY E 47 -24.47 -9.52 -21.82
C GLY E 47 -23.36 -10.55 -21.94
N ARG E 48 -22.08 -10.10 -21.97
CA ARG E 48 -20.92 -10.99 -22.06
C ARG E 48 -20.19 -11.04 -20.71
N ASP E 49 -19.35 -12.06 -20.57
CA ASP E 49 -18.52 -12.30 -19.39
C ASP E 49 -17.18 -11.74 -19.65
N VAL E 50 -16.84 -10.71 -18.87
CA VAL E 50 -15.58 -9.97 -18.96
C VAL E 50 -14.65 -10.21 -17.75
N LEU E 51 -13.32 -10.19 -18.04
CA LEU E 51 -12.25 -10.25 -17.08
C LEU E 51 -11.32 -9.10 -17.38
N ASP E 52 -11.17 -8.18 -16.42
CA ASP E 52 -10.29 -7.03 -16.57
C ASP E 52 -8.97 -7.27 -15.77
N LEU E 53 -7.90 -7.70 -16.52
CA LEU E 53 -6.57 -8.00 -15.98
C LEU E 53 -5.85 -6.76 -15.57
N GLY E 54 -5.39 -6.73 -14.33
CA GLY E 54 -4.70 -5.58 -13.77
C GLY E 54 -5.62 -4.39 -13.79
N CYS E 55 -6.79 -4.52 -13.15
CA CYS E 55 -7.88 -3.54 -13.07
C CYS E 55 -7.48 -2.28 -12.26
N ASN E 56 -6.43 -2.37 -11.40
CA ASN E 56 -5.97 -1.23 -10.56
C ASN E 56 -7.09 -0.80 -9.55
N VAL E 57 -7.42 0.48 -9.37
CA VAL E 57 -8.52 0.91 -8.47
C VAL E 57 -9.96 0.73 -9.13
N GLY E 58 -9.99 0.09 -10.31
CA GLY E 58 -11.18 -0.37 -11.03
C GLY E 58 -12.16 0.60 -11.68
N HIS E 59 -11.72 1.83 -12.00
CA HIS E 59 -12.59 2.85 -12.63
C HIS E 59 -13.17 2.41 -13.99
N LEU E 60 -12.35 1.75 -14.83
CA LEU E 60 -12.79 1.18 -16.10
C LEU E 60 -13.73 -0.01 -15.93
N THR E 61 -13.42 -0.86 -14.94
CA THR E 61 -14.20 -2.06 -14.58
C THR E 61 -15.62 -1.62 -14.27
N LEU E 62 -15.76 -0.60 -13.41
CA LEU E 62 -17.01 -0.03 -12.95
C LEU E 62 -17.75 0.70 -14.05
N SER E 63 -17.02 1.45 -14.92
CA SER E 63 -17.62 2.18 -16.01
C SER E 63 -18.23 1.23 -17.02
N ILE E 64 -17.49 0.18 -17.44
CA ILE E 64 -18.03 -0.80 -18.39
C ILE E 64 -19.19 -1.57 -17.76
N ALA E 65 -19.01 -2.02 -16.50
CA ALA E 65 -20.03 -2.76 -15.74
C ALA E 65 -21.36 -1.99 -15.77
N CYS E 66 -21.28 -0.72 -15.39
CA CYS E 66 -22.39 0.18 -15.28
C CYS E 66 -23.02 0.57 -16.65
N LYS E 67 -22.27 1.29 -17.49
CA LYS E 67 -22.72 1.77 -18.80
C LYS E 67 -23.12 0.69 -19.80
N TRP E 68 -22.38 -0.41 -19.91
CA TRP E 68 -22.64 -1.36 -20.99
C TRP E 68 -23.21 -2.73 -20.64
N GLY E 69 -23.68 -2.89 -19.41
CA GLY E 69 -24.29 -4.13 -18.92
C GLY E 69 -23.64 -5.47 -19.24
N PRO E 70 -22.37 -5.77 -18.84
CA PRO E 70 -21.88 -7.15 -19.03
C PRO E 70 -22.64 -8.05 -18.06
N SER E 71 -22.96 -9.26 -18.48
CA SER E 71 -23.56 -10.26 -17.65
C SER E 71 -22.64 -10.52 -16.42
N ARG E 72 -21.28 -10.54 -16.61
CA ARG E 72 -20.30 -10.65 -15.49
C ARG E 72 -19.08 -9.81 -15.79
N VAL E 74 -15.38 -9.25 -13.83
CA VAL E 74 -14.39 -9.49 -12.79
C VAL E 74 -13.16 -8.62 -13.02
N GLY E 75 -12.85 -7.76 -12.07
CA GLY E 75 -11.61 -7.02 -11.99
C GLY E 75 -10.53 -7.70 -11.13
N LEU E 76 -9.40 -8.11 -11.76
CA LEU E 76 -8.27 -8.76 -11.08
C LEU E 76 -7.04 -7.87 -10.99
N ASP E 77 -6.42 -7.83 -9.80
CA ASP E 77 -5.19 -7.09 -9.56
C ASP E 77 -4.29 -7.81 -8.52
N ILE E 78 -2.93 -7.69 -8.67
CA ILE E 78 -1.94 -8.31 -7.80
C ILE E 78 -1.99 -7.68 -6.38
N ASP E 79 -2.28 -6.36 -6.32
CA ASP E 79 -2.22 -5.54 -5.11
C ASP E 79 -3.56 -5.41 -4.45
N SER E 80 -3.66 -5.96 -3.24
CA SER E 80 -4.89 -5.96 -2.45
C SER E 80 -5.30 -4.58 -1.95
N ARG E 81 -4.36 -3.64 -1.87
CA ARG E 81 -4.67 -2.29 -1.43
C ARG E 81 -5.49 -1.58 -2.53
N LEU E 82 -5.24 -1.93 -3.80
CA LEU E 82 -5.96 -1.41 -4.97
C LEU E 82 -7.26 -2.17 -5.13
N ILE E 83 -7.31 -3.43 -4.68
CA ILE E 83 -8.57 -4.21 -4.74
C ILE E 83 -9.47 -3.70 -3.63
N HIS E 84 -8.90 -3.27 -2.47
CA HIS E 84 -9.71 -2.73 -1.38
C HIS E 84 -10.31 -1.45 -1.84
N SER E 85 -9.48 -0.61 -2.45
CA SER E 85 -9.86 0.67 -3.02
C SER E 85 -11.01 0.54 -4.05
N ALA E 86 -10.89 -0.40 -4.99
CA ALA E 86 -11.85 -0.67 -6.04
C ALA E 86 -13.24 -1.02 -5.52
N ARG E 87 -13.30 -1.71 -4.38
CA ARG E 87 -14.52 -2.15 -3.68
C ARG E 87 -15.22 -1.02 -2.97
N GLN E 88 -14.44 -0.06 -2.44
CA GLN E 88 -14.92 1.14 -1.75
C GLN E 88 -15.38 2.19 -2.78
N ASN E 89 -14.92 2.07 -4.02
CA ASN E 89 -15.28 2.97 -5.12
C ASN E 89 -16.67 2.68 -5.69
N ILE E 90 -17.24 1.50 -5.38
CA ILE E 90 -18.57 1.12 -5.87
C ILE E 90 -19.64 2.17 -5.45
N ARG E 91 -19.54 2.70 -4.20
CA ARG E 91 -20.40 3.75 -3.64
C ARG E 91 -20.46 5.03 -4.52
N HIS E 92 -19.33 5.45 -5.10
CA HIS E 92 -19.24 6.62 -5.97
C HIS E 92 -19.95 6.43 -7.33
N TYR E 93 -20.17 5.17 -7.72
CA TYR E 93 -20.87 4.86 -8.96
C TYR E 93 -22.39 4.73 -8.75
N LEU E 94 -22.81 4.72 -7.47
CA LEU E 94 -24.21 4.61 -7.09
C LEU E 94 -24.77 5.98 -6.67
N SER E 95 -24.14 6.63 -5.67
CA SER E 95 -24.57 7.94 -5.15
N VAL E 142 -31.49 -0.69 -11.88
CA VAL E 142 -31.21 -1.22 -10.54
C VAL E 142 -31.49 -2.73 -10.44
N PRO E 143 -30.63 -3.52 -9.70
CA PRO E 143 -30.91 -4.96 -9.53
C PRO E 143 -32.15 -5.17 -8.69
N LEU E 144 -32.88 -6.26 -8.94
CA LEU E 144 -34.12 -6.58 -8.20
C LEU E 144 -33.84 -6.92 -6.74
N ASP E 145 -32.69 -7.57 -6.49
CA ASP E 145 -32.24 -8.06 -5.19
C ASP E 145 -30.90 -8.77 -5.40
N GLY E 146 -30.41 -9.48 -4.37
CA GLY E 146 -29.13 -10.19 -4.39
C GLY E 146 -29.08 -11.37 -5.33
N ALA E 147 -30.27 -11.92 -5.67
CA ALA E 147 -30.42 -13.04 -6.60
C ALA E 147 -30.37 -12.54 -8.04
N ASP E 148 -30.43 -11.22 -8.24
CA ASP E 148 -30.30 -10.58 -9.56
C ASP E 148 -28.88 -10.01 -9.70
N THR E 149 -27.99 -10.73 -10.40
CA THR E 149 -26.60 -10.31 -10.63
C THR E 149 -26.34 -9.82 -12.10
N SER E 150 -27.34 -9.41 -12.85
CA SER E 150 -27.18 -8.99 -14.27
C SER E 150 -27.10 -7.47 -14.47
N VAL E 151 -27.27 -6.73 -13.37
CA VAL E 151 -27.27 -5.28 -13.40
C VAL E 151 -26.43 -4.73 -12.22
N PHE E 152 -25.64 -3.69 -12.53
CA PHE E 152 -24.75 -2.94 -11.65
C PHE E 152 -25.52 -2.50 -10.43
N PRO E 153 -24.97 -2.67 -9.22
CA PRO E 153 -23.60 -3.12 -8.89
C PRO E 153 -23.41 -4.63 -8.69
N ASN E 154 -24.45 -5.43 -8.91
CA ASN E 154 -24.46 -6.87 -8.71
C ASN E 154 -23.79 -7.68 -9.80
N ASN E 155 -23.28 -7.07 -10.87
CA ASN E 155 -22.58 -7.81 -11.92
C ASN E 155 -21.05 -7.67 -11.83
N VAL E 156 -20.56 -6.98 -10.80
CA VAL E 156 -19.13 -6.76 -10.68
C VAL E 156 -18.55 -7.27 -9.35
N VAL E 157 -17.35 -7.91 -9.45
CA VAL E 157 -16.54 -8.42 -8.33
C VAL E 157 -15.08 -8.13 -8.59
N PHE E 158 -14.30 -7.93 -7.51
CA PHE E 158 -12.87 -7.72 -7.54
C PHE E 158 -12.18 -8.87 -6.83
N VAL E 159 -11.05 -9.34 -7.37
CA VAL E 159 -10.25 -10.42 -6.79
C VAL E 159 -8.77 -10.03 -6.88
N THR E 160 -8.05 -10.30 -5.78
CA THR E 160 -6.60 -10.12 -5.63
C THR E 160 -5.92 -11.37 -6.18
N GLY E 161 -4.88 -11.19 -6.93
CA GLY E 161 -4.23 -12.35 -7.50
C GLY E 161 -3.27 -11.98 -8.59
N ASN E 162 -2.24 -12.85 -8.75
CA ASN E 162 -1.26 -12.72 -9.80
C ASN E 162 -1.75 -13.62 -10.93
N TYR E 163 -2.06 -13.05 -12.10
CA TYR E 163 -2.56 -13.84 -13.24
C TYR E 163 -1.49 -14.75 -13.82
N VAL E 164 -0.21 -14.41 -13.57
CA VAL E 164 0.93 -15.16 -14.07
C VAL E 164 1.16 -16.42 -13.21
N LEU E 165 0.91 -17.59 -13.81
CA LEU E 165 1.12 -18.89 -13.17
C LEU E 165 2.61 -19.26 -13.30
N ASP E 166 3.15 -20.03 -12.35
CA ASP E 166 4.59 -20.38 -12.29
C ASP E 166 5.10 -21.32 -13.39
N ARG E 167 4.32 -22.33 -13.78
CA ARG E 167 4.71 -23.34 -14.75
C ARG E 167 3.71 -23.46 -15.91
N ASP E 168 4.17 -24.05 -17.03
CA ASP E 168 3.37 -24.29 -18.23
C ASP E 168 2.26 -25.33 -18.02
N ASP E 169 2.50 -26.32 -17.12
CA ASP E 169 1.51 -27.36 -16.81
C ASP E 169 0.28 -26.81 -16.05
N LEU E 170 0.49 -25.70 -15.31
CA LEU E 170 -0.55 -24.98 -14.57
C LEU E 170 -1.41 -24.22 -15.55
N VAL E 171 -0.78 -23.52 -16.52
CA VAL E 171 -1.44 -22.77 -17.59
C VAL E 171 -2.41 -23.69 -18.40
N GLU E 172 -1.97 -24.92 -18.67
CA GLU E 172 -2.71 -25.96 -19.38
C GLU E 172 -3.86 -26.56 -18.57
N ALA E 173 -3.99 -26.19 -17.28
CA ALA E 173 -5.09 -26.70 -16.45
C ALA E 173 -6.29 -25.77 -16.58
N GLN E 174 -6.05 -24.56 -17.12
CA GLN E 174 -7.07 -23.55 -17.28
C GLN E 174 -8.14 -24.00 -18.29
N THR E 175 -9.41 -23.87 -17.88
CA THR E 175 -10.62 -24.18 -18.67
C THR E 175 -11.30 -22.83 -19.00
N PRO E 176 -12.03 -22.72 -20.14
CA PRO E 176 -12.66 -21.41 -20.47
C PRO E 176 -13.79 -20.95 -19.52
N GLU E 177 -13.87 -19.60 -19.33
CA GLU E 177 -14.86 -18.91 -18.48
C GLU E 177 -15.27 -17.54 -19.03
N TYR E 178 -14.42 -16.87 -19.85
CA TYR E 178 -14.77 -15.53 -20.31
C TYR E 178 -15.04 -15.43 -21.81
N ASP E 179 -15.70 -14.35 -22.20
CA ASP E 179 -16.03 -14.06 -23.59
C ASP E 179 -15.03 -13.04 -24.07
N VAL E 180 -14.63 -12.17 -23.18
CA VAL E 180 -13.73 -11.04 -23.39
C VAL E 180 -12.71 -11.04 -22.23
N VAL E 181 -11.43 -10.72 -22.54
CA VAL E 181 -10.37 -10.48 -21.55
C VAL E 181 -9.79 -9.12 -21.94
N LEU E 182 -9.73 -8.19 -20.98
CA LEU E 182 -9.12 -6.88 -21.17
C LEU E 182 -7.71 -6.95 -20.57
N CYS E 183 -6.69 -6.70 -21.42
CA CYS E 183 -5.29 -6.70 -21.02
C CYS E 183 -4.73 -5.38 -21.53
N LEU E 184 -5.01 -4.30 -20.77
CA LEU E 184 -4.68 -2.94 -21.14
C LEU E 184 -3.57 -2.39 -20.29
N SER E 185 -2.42 -1.99 -20.90
CA SER E 185 -1.28 -1.41 -20.18
C SER E 185 -0.70 -2.33 -19.09
N LEU E 186 -0.79 -3.66 -19.28
CA LEU E 186 -0.32 -4.67 -18.34
C LEU E 186 0.96 -5.36 -18.79
N THR E 187 1.07 -5.70 -20.12
CA THR E 187 2.17 -6.41 -20.78
C THR E 187 3.59 -6.01 -20.32
N LYS E 188 3.87 -4.70 -20.16
CA LYS E 188 5.18 -4.19 -19.74
C LYS E 188 5.53 -4.63 -18.33
N TRP E 189 4.58 -4.45 -17.40
CA TRP E 189 4.74 -4.81 -15.98
C TRP E 189 4.93 -6.29 -15.79
N VAL E 190 4.23 -7.09 -16.56
CA VAL E 190 4.34 -8.55 -16.52
C VAL E 190 5.68 -9.00 -17.13
N HIS E 191 6.08 -8.37 -18.25
CA HIS E 191 7.30 -8.62 -19.00
C HIS E 191 8.56 -8.34 -18.17
N LEU E 192 8.59 -7.19 -17.49
CA LEU E 192 9.70 -6.78 -16.67
C LEU E 192 9.84 -7.58 -15.39
N ASN E 193 8.72 -7.92 -14.77
CA ASN E 193 8.75 -8.61 -13.52
C ASN E 193 8.92 -10.12 -13.65
N TRP E 194 8.36 -10.75 -14.70
CA TRP E 194 8.36 -12.19 -14.91
C TRP E 194 9.00 -12.66 -16.25
N GLY E 195 9.60 -11.73 -17.00
CA GLY E 195 10.25 -12.02 -18.27
C GLY E 195 9.36 -12.51 -19.41
N ASP E 196 9.99 -12.91 -20.54
CA ASP E 196 9.36 -13.48 -21.72
C ASP E 196 8.53 -14.69 -21.31
N GLU E 197 9.12 -15.57 -20.48
CA GLU E 197 8.50 -16.80 -19.99
C GLU E 197 7.15 -16.56 -19.32
N GLY E 198 7.11 -15.56 -18.43
CA GLY E 198 5.94 -15.15 -17.68
C GLY E 198 4.85 -14.55 -18.54
N LEU E 199 5.26 -13.68 -19.49
CA LEU E 199 4.36 -13.02 -20.46
C LEU E 199 3.71 -14.05 -21.40
N LYS E 200 4.54 -15.01 -21.88
CA LYS E 200 4.07 -16.10 -22.73
C LYS E 200 2.99 -16.91 -21.98
N ARG E 201 3.20 -17.13 -20.68
CA ARG E 201 2.26 -17.84 -19.83
C ARG E 201 0.98 -17.04 -19.57
N PHE E 203 -0.30 -14.72 -21.81
CA PHE E 203 -0.93 -14.80 -23.13
C PHE E 203 -1.60 -16.15 -23.36
N ARG E 204 -0.90 -17.26 -23.04
CA ARG E 204 -1.44 -18.61 -23.23
C ARG E 204 -2.63 -18.87 -22.27
N ARG E 205 -2.55 -18.32 -21.03
CA ARG E 205 -3.62 -18.42 -20.06
C ARG E 205 -4.85 -17.68 -20.58
N ILE E 206 -4.67 -16.42 -21.09
CA ILE E 206 -5.78 -15.64 -21.65
C ILE E 206 -6.52 -16.47 -22.73
N TYR E 207 -5.77 -17.04 -23.67
CA TYR E 207 -6.33 -17.88 -24.73
C TYR E 207 -7.17 -19.03 -24.14
N ARG E 208 -6.58 -19.73 -23.17
CA ARG E 208 -7.21 -20.86 -22.51
C ARG E 208 -8.45 -20.49 -21.68
N HIS E 209 -8.47 -19.27 -21.13
CA HIS E 209 -9.55 -18.74 -20.31
C HIS E 209 -10.76 -18.30 -21.15
N LEU E 210 -10.52 -17.90 -22.42
CA LEU E 210 -11.59 -17.49 -23.36
C LEU E 210 -12.37 -18.66 -23.90
N ARG E 211 -13.65 -18.44 -24.07
CA ARG E 211 -14.50 -19.45 -24.67
C ARG E 211 -14.35 -19.44 -26.18
N PRO E 212 -14.63 -20.56 -26.90
CA PRO E 212 -14.56 -20.52 -28.36
C PRO E 212 -15.43 -19.37 -28.88
N GLY E 213 -14.87 -18.55 -29.77
CA GLY E 213 -15.49 -17.33 -30.26
C GLY E 213 -15.15 -16.11 -29.40
N GLY E 214 -14.28 -16.31 -28.40
CA GLY E 214 -13.82 -15.30 -27.43
C GLY E 214 -12.85 -14.27 -28.00
N ILE E 215 -12.77 -13.09 -27.35
CA ILE E 215 -11.88 -12.01 -27.76
C ILE E 215 -10.93 -11.51 -26.61
N LEU E 216 -9.71 -11.13 -27.00
CA LEU E 216 -8.74 -10.50 -26.13
C LEU E 216 -8.60 -9.06 -26.62
N VAL E 217 -8.77 -8.09 -25.71
CA VAL E 217 -8.56 -6.67 -26.02
C VAL E 217 -7.16 -6.38 -25.44
N LEU E 218 -6.18 -6.11 -26.34
CA LEU E 218 -4.81 -5.83 -25.95
C LEU E 218 -4.39 -4.41 -26.26
N GLU E 219 -3.82 -3.69 -25.27
CA GLU E 219 -3.27 -2.35 -25.41
C GLU E 219 -1.79 -2.45 -24.89
N PRO E 220 -0.83 -2.90 -25.72
CA PRO E 220 0.55 -3.07 -25.21
C PRO E 220 1.39 -1.80 -25.19
N GLN E 221 2.35 -1.73 -24.24
CA GLN E 221 3.31 -0.62 -24.15
C GLN E 221 4.41 -0.83 -25.19
N PRO E 222 4.93 0.24 -25.84
CA PRO E 222 6.05 0.04 -26.79
C PRO E 222 7.35 -0.24 -26.02
N TRP E 223 8.37 -0.78 -26.69
CA TRP E 223 9.65 -1.10 -26.08
C TRP E 223 10.28 0.14 -25.44
N SER E 224 10.08 1.31 -26.06
CA SER E 224 10.53 2.64 -25.61
C SER E 224 10.16 2.94 -24.15
N SER E 225 8.99 2.43 -23.70
CA SER E 225 8.46 2.60 -22.34
C SER E 225 9.21 1.74 -21.26
N TYR E 226 9.88 0.66 -21.70
CA TYR E 226 10.58 -0.29 -20.85
C TYR E 226 11.81 0.27 -20.15
N GLY E 227 12.65 1.00 -20.91
CA GLY E 227 13.91 1.61 -20.47
C GLY E 227 13.81 2.43 -19.20
N LYS E 228 12.84 3.38 -19.15
CA LYS E 228 12.57 4.25 -18.00
C LYS E 228 12.27 3.37 -16.82
N ARG E 229 13.00 3.53 -15.70
CA ARG E 229 12.84 2.76 -14.45
C ARG E 229 13.18 1.25 -14.57
N LYS E 230 14.18 0.89 -15.43
CA LYS E 230 14.69 -0.48 -15.57
C LYS E 230 15.52 -0.87 -14.33
N THR E 231 15.70 0.09 -13.41
CA THR E 231 16.52 -0.02 -12.20
C THR E 231 15.65 -0.11 -10.94
N LEU E 232 14.35 -0.43 -11.10
CA LEU E 232 13.40 -0.58 -9.98
C LEU E 232 13.81 -1.75 -9.10
N THR E 233 14.03 -2.93 -9.70
CA THR E 233 14.46 -4.14 -8.97
C THR E 233 15.61 -4.77 -9.75
N GLU E 234 16.36 -5.68 -9.12
CA GLU E 234 17.44 -6.42 -9.77
C GLU E 234 16.85 -7.38 -10.80
N THR E 235 15.67 -7.91 -10.49
CA THR E 235 14.87 -8.82 -11.32
C THR E 235 14.39 -8.09 -12.57
N ILE E 236 13.86 -6.86 -12.43
CA ILE E 236 13.40 -6.03 -13.54
C ILE E 236 14.56 -5.67 -14.50
N TYR E 237 15.76 -5.39 -13.93
CA TYR E 237 16.99 -5.08 -14.65
C TYR E 237 17.49 -6.28 -15.44
N LYS E 238 17.54 -7.47 -14.81
CA LYS E 238 17.99 -8.71 -15.45
C LYS E 238 17.08 -9.06 -16.62
N ASN E 239 15.77 -8.86 -16.44
CA ASN E 239 14.75 -9.13 -17.45
C ASN E 239 14.77 -8.14 -18.61
N TYR E 240 14.96 -6.83 -18.35
CA TYR E 240 15.05 -5.83 -19.42
C TYR E 240 16.13 -6.17 -20.45
N TYR E 241 17.25 -6.76 -19.99
CA TYR E 241 18.36 -7.11 -20.87
C TYR E 241 18.30 -8.55 -21.41
N ARG E 242 17.39 -9.38 -20.89
CA ARG E 242 17.21 -10.77 -21.31
C ARG E 242 16.03 -10.99 -22.29
N ILE E 243 15.06 -10.03 -22.37
CA ILE E 243 13.87 -10.08 -23.26
C ILE E 243 14.25 -10.22 -24.77
N GLN E 244 13.60 -11.19 -25.46
CA GLN E 244 13.75 -11.47 -26.90
C GLN E 244 12.40 -11.28 -27.61
N LEU E 245 11.27 -11.60 -26.91
CA LEU E 245 9.96 -11.34 -27.51
C LEU E 245 9.65 -9.88 -27.26
N LYS E 246 9.80 -9.06 -28.29
CA LYS E 246 9.59 -7.62 -28.21
C LYS E 246 8.11 -7.24 -28.51
N PRO E 247 7.60 -6.06 -27.99
CA PRO E 247 6.21 -5.65 -28.29
C PRO E 247 5.76 -5.75 -29.77
N GLU E 248 6.67 -5.40 -30.69
CA GLU E 248 6.52 -5.44 -32.14
C GLU E 248 6.23 -6.86 -32.68
N GLN E 249 6.58 -7.91 -31.90
CA GLN E 249 6.41 -9.32 -32.24
C GLN E 249 5.23 -9.98 -31.56
N PHE E 250 4.50 -9.24 -30.68
CA PHE E 250 3.37 -9.75 -29.91
C PHE E 250 2.24 -10.29 -30.77
N SER E 251 1.88 -9.58 -31.84
CA SER E 251 0.76 -9.97 -32.69
C SER E 251 1.00 -11.29 -33.40
N SER E 252 2.23 -11.52 -33.88
CA SER E 252 2.64 -12.75 -34.54
C SER E 252 2.70 -13.93 -33.53
N TYR E 253 3.13 -13.66 -32.27
CA TYR E 253 3.25 -14.69 -31.25
C TYR E 253 1.90 -15.15 -30.81
N LEU E 254 0.96 -14.21 -30.60
CA LEU E 254 -0.42 -14.49 -30.16
C LEU E 254 -1.20 -15.32 -31.19
N THR E 255 -0.79 -15.15 -32.46
CA THR E 255 -1.35 -15.75 -33.66
C THR E 255 -0.69 -17.09 -34.03
N SER E 256 0.36 -17.45 -33.29
CA SER E 256 1.14 -18.66 -33.52
C SER E 256 0.52 -19.88 -32.78
N PRO E 257 0.90 -21.15 -33.14
CA PRO E 257 0.35 -22.32 -32.41
C PRO E 257 0.70 -22.37 -30.91
N ASP E 258 1.73 -21.60 -30.49
CA ASP E 258 2.16 -21.50 -29.10
C ASP E 258 1.03 -20.94 -28.20
N VAL E 259 0.25 -19.96 -28.72
CA VAL E 259 -0.90 -19.31 -28.07
C VAL E 259 -2.18 -19.89 -28.71
N GLY E 260 -2.44 -19.58 -29.98
CA GLY E 260 -3.58 -20.14 -30.69
C GLY E 260 -4.63 -19.23 -31.31
N PHE E 261 -4.51 -17.88 -31.14
CA PHE E 261 -5.49 -16.94 -31.71
C PHE E 261 -5.58 -17.05 -33.22
N SER E 262 -6.80 -17.21 -33.74
CA SER E 262 -7.08 -17.40 -35.15
C SER E 262 -6.81 -16.17 -36.02
N SER E 263 -7.07 -14.96 -35.50
CA SER E 263 -6.92 -13.70 -36.22
C SER E 263 -6.76 -12.51 -35.26
N TYR E 264 -6.38 -11.34 -35.81
CA TYR E 264 -6.26 -10.11 -35.02
C TYR E 264 -6.61 -8.89 -35.84
N GLU E 265 -6.89 -7.75 -35.18
CA GLU E 265 -7.26 -6.51 -35.84
C GLU E 265 -6.89 -5.31 -34.98
N LEU E 266 -6.61 -4.17 -35.61
CA LEU E 266 -6.30 -2.93 -34.95
C LEU E 266 -7.59 -2.09 -34.80
N VAL E 267 -7.80 -1.51 -33.61
CA VAL E 267 -8.97 -0.67 -33.31
C VAL E 267 -8.59 0.81 -33.46
N GLN E 278 -3.97 6.47 -25.65
CA GLN E 278 -2.55 6.84 -25.52
C GLN E 278 -1.60 6.04 -26.46
N ARG E 279 -1.87 4.73 -26.59
CA ARG E 279 -1.19 3.64 -27.31
C ARG E 279 -2.22 2.89 -28.23
N PRO E 280 -1.78 2.12 -29.26
CA PRO E 280 -2.74 1.37 -30.07
C PRO E 280 -3.41 0.19 -29.35
N VAL E 281 -4.65 -0.11 -29.75
CA VAL E 281 -5.48 -1.15 -29.20
C VAL E 281 -5.81 -2.19 -30.28
N TYR E 282 -5.73 -3.48 -29.90
CA TYR E 282 -5.93 -4.62 -30.78
C TYR E 282 -7.00 -5.58 -30.26
N LEU E 283 -7.60 -6.35 -31.15
CA LEU E 283 -8.57 -7.40 -30.84
C LEU E 283 -8.04 -8.71 -31.41
N PHE E 284 -7.93 -9.72 -30.55
CA PHE E 284 -7.46 -11.06 -30.91
C PHE E 284 -8.65 -12.02 -30.83
N HIS E 285 -8.88 -12.78 -31.90
CA HIS E 285 -10.03 -13.69 -31.98
C HIS E 285 -9.70 -15.16 -31.77
N LYS E 286 -10.53 -15.82 -30.96
CA LYS E 286 -10.42 -17.24 -30.69
C LYS E 286 -11.50 -17.93 -31.55
N ALA E 287 -11.15 -18.99 -32.29
CA ALA E 287 -11.99 -19.79 -33.16
C ALA E 287 -13.15 -20.46 -32.42
N ARG E 288 -14.29 -20.59 -33.13
CA ARG E 288 -15.56 -21.13 -32.67
C ARG E 288 -15.59 -22.67 -32.52
N SER E 289 -16.51 -23.16 -31.66
CA SER E 289 -16.69 -24.59 -31.38
N LYS F 15 -4.35 -3.96 7.02
CA LYS F 15 -5.58 -3.20 6.95
C LYS F 15 -5.28 -1.65 6.71
N PHE F 16 -6.32 -0.78 6.89
CA PHE F 16 -6.36 0.67 6.58
C PHE F 16 -6.96 1.38 7.80
N GLN F 17 -6.26 1.21 8.92
CA GLN F 17 -6.66 1.67 10.26
C GLN F 17 -6.64 3.18 10.42
N TYR F 18 -5.96 3.88 9.52
CA TYR F 18 -5.86 5.33 9.55
C TYR F 18 -6.84 5.91 8.53
N GLY F 19 -7.65 5.04 7.92
CA GLY F 19 -8.55 5.37 6.83
C GLY F 19 -7.72 5.65 5.59
N ASN F 20 -6.51 5.02 5.53
CA ASN F 20 -5.46 5.19 4.53
C ASN F 20 -5.56 4.30 3.29
N TYR F 21 -6.67 4.40 2.59
CA TYR F 21 -6.81 3.76 1.30
C TYR F 21 -7.12 4.89 0.32
N CYS F 22 -6.92 4.65 -0.96
CA CYS F 22 -7.13 5.61 -2.02
C CYS F 22 -8.61 5.98 -2.22
N LYS F 23 -8.95 7.23 -1.84
CA LYS F 23 -10.30 7.79 -1.85
C LYS F 23 -10.56 8.74 -3.02
N TYR F 24 -11.58 8.41 -3.84
CA TYR F 24 -12.03 9.19 -5.00
N ASP F 34 -14.64 17.57 -7.28
CA ASP F 34 -15.13 17.14 -5.96
C ASP F 34 -16.06 18.16 -5.38
N GLY F 35 -17.23 17.66 -4.94
CA GLY F 35 -18.33 18.41 -4.34
C GLY F 35 -17.96 19.43 -3.28
N ARG F 36 -16.89 19.16 -2.52
CA ARG F 36 -16.35 20.01 -1.45
C ARG F 36 -15.90 21.40 -1.92
N LEU F 37 -15.49 21.56 -3.20
CA LEU F 37 -15.04 22.87 -3.70
C LEU F 37 -16.20 23.85 -3.84
N ARG F 38 -17.46 23.34 -3.84
CA ARG F 38 -18.67 24.15 -3.90
C ARG F 38 -18.97 24.75 -2.52
N VAL F 39 -18.54 24.06 -1.43
CA VAL F 39 -18.72 24.54 -0.05
C VAL F 39 -17.50 25.38 0.41
N LEU F 40 -16.26 25.05 -0.05
CA LEU F 40 -15.06 25.82 0.31
C LEU F 40 -15.01 27.12 -0.50
N LYS F 41 -14.61 28.22 0.14
CA LYS F 41 -14.57 29.54 -0.48
C LYS F 41 -13.17 29.86 -1.04
N PRO F 42 -13.07 30.29 -2.32
CA PRO F 42 -11.75 30.59 -2.90
C PRO F 42 -10.92 31.63 -2.13
N GLU F 43 -11.58 32.68 -1.60
CA GLU F 43 -11.01 33.78 -0.81
C GLU F 43 -10.18 33.30 0.39
N TRP F 44 -10.49 32.11 0.92
CA TRP F 44 -9.77 31.53 2.05
C TRP F 44 -8.34 31.13 1.63
N PHE F 45 -8.15 30.76 0.35
CA PHE F 45 -6.94 30.19 -0.22
C PHE F 45 -6.05 31.10 -1.09
N ARG F 46 -6.64 31.98 -1.98
CA ARG F 46 -5.90 32.86 -2.89
C ARG F 46 -4.76 33.64 -2.22
N GLY F 47 -3.52 33.41 -2.65
CA GLY F 47 -2.32 34.04 -2.11
C GLY F 47 -1.95 33.68 -0.67
N ARG F 48 -2.57 32.62 -0.11
CA ARG F 48 -2.32 32.17 1.26
C ARG F 48 -1.46 30.87 1.30
N ASP F 49 -0.83 30.57 2.46
CA ASP F 49 -0.06 29.33 2.69
C ASP F 49 -0.99 28.31 3.34
N VAL F 50 -1.18 27.16 2.67
CA VAL F 50 -2.11 26.11 3.04
C VAL F 50 -1.42 24.78 3.33
N LEU F 51 -1.89 24.07 4.37
CA LEU F 51 -1.43 22.72 4.72
C LEU F 51 -2.68 21.86 4.74
N ASP F 52 -2.69 20.80 3.93
CA ASP F 52 -3.80 19.86 3.83
C ASP F 52 -3.43 18.57 4.57
N LEU F 53 -3.94 18.45 5.83
CA LEU F 53 -3.73 17.32 6.73
C LEU F 53 -4.51 16.10 6.26
N GLY F 54 -3.80 14.97 6.12
CA GLY F 54 -4.37 13.73 5.61
C GLY F 54 -4.89 13.91 4.19
N CYS F 55 -4.04 14.40 3.30
CA CYS F 55 -4.36 14.74 1.91
C CYS F 55 -4.77 13.54 1.05
N ASN F 56 -4.43 12.30 1.46
CA ASN F 56 -4.73 11.08 0.70
C ASN F 56 -4.04 11.14 -0.71
N VAL F 57 -4.77 10.85 -1.80
CA VAL F 57 -4.22 10.89 -3.17
C VAL F 57 -4.10 12.32 -3.72
N GLY F 58 -4.42 13.29 -2.85
CA GLY F 58 -4.33 14.72 -3.08
C GLY F 58 -5.24 15.36 -4.12
N HIS F 59 -6.41 14.79 -4.43
CA HIS F 59 -7.38 15.38 -5.37
C HIS F 59 -7.74 16.82 -5.01
N LEU F 60 -8.08 17.08 -3.72
CA LEU F 60 -8.42 18.41 -3.20
C LEU F 60 -7.21 19.30 -3.20
N THR F 61 -6.04 18.74 -2.81
CA THR F 61 -4.77 19.49 -2.73
C THR F 61 -4.50 20.11 -4.09
N LEU F 62 -4.59 19.29 -5.16
CA LEU F 62 -4.33 19.66 -6.54
C LEU F 62 -5.39 20.59 -7.09
N SER F 63 -6.67 20.36 -6.71
CA SER F 63 -7.78 21.21 -7.15
C SER F 63 -7.64 22.62 -6.61
N ILE F 64 -7.37 22.75 -5.29
CA ILE F 64 -7.21 24.06 -4.65
C ILE F 64 -5.97 24.76 -5.18
N ALA F 65 -4.83 24.04 -5.24
CA ALA F 65 -3.55 24.57 -5.70
C ALA F 65 -3.64 25.13 -7.12
N CYS F 66 -4.37 24.43 -7.99
CA CYS F 66 -4.61 24.79 -9.37
C CYS F 66 -5.63 25.91 -9.52
N LYS F 67 -6.89 25.63 -9.21
CA LYS F 67 -8.01 26.56 -9.37
C LYS F 67 -7.95 27.86 -8.56
N TRP F 68 -7.47 27.83 -7.29
CA TRP F 68 -7.58 28.99 -6.43
C TRP F 68 -6.29 29.70 -6.04
N GLY F 69 -5.19 29.39 -6.70
CA GLY F 69 -3.89 30.02 -6.51
C GLY F 69 -3.37 30.29 -5.10
N PRO F 70 -3.20 29.28 -4.20
CA PRO F 70 -2.53 29.60 -2.92
C PRO F 70 -1.04 29.89 -3.20
N SER F 71 -0.42 30.73 -2.37
CA SER F 71 1.02 31.01 -2.50
C SER F 71 1.89 29.76 -2.22
N ARG F 72 1.45 28.89 -1.31
CA ARG F 72 2.10 27.62 -0.98
C ARG F 72 0.99 26.64 -0.55
N VAL F 74 0.82 22.50 0.79
CA VAL F 74 1.49 21.28 1.23
C VAL F 74 0.47 20.25 1.60
N GLY F 75 0.56 19.10 0.98
CA GLY F 75 -0.27 17.95 1.27
C GLY F 75 0.49 16.97 2.14
N LEU F 76 0.00 16.69 3.37
CA LEU F 76 0.61 15.75 4.32
C LEU F 76 -0.26 14.51 4.56
N ASP F 77 0.34 13.32 4.56
CA ASP F 77 -0.36 12.07 4.86
C ASP F 77 0.63 11.11 5.53
N ILE F 78 0.16 10.28 6.47
CA ILE F 78 0.96 9.28 7.21
C ILE F 78 1.49 8.18 6.29
N ASP F 79 0.68 7.83 5.27
CA ASP F 79 0.89 6.77 4.30
C ASP F 79 1.61 7.25 3.07
N SER F 80 2.80 6.70 2.87
CA SER F 80 3.69 7.06 1.74
C SER F 80 3.16 6.56 0.40
N ARG F 81 2.32 5.49 0.41
CA ARG F 81 1.72 5.00 -0.83
C ARG F 81 0.73 6.03 -1.38
N LEU F 82 0.04 6.73 -0.49
CA LEU F 82 -0.92 7.76 -0.87
C LEU F 82 -0.22 9.00 -1.40
N ILE F 83 0.97 9.32 -0.83
CA ILE F 83 1.85 10.41 -1.22
C ILE F 83 2.50 10.14 -2.59
N HIS F 84 2.99 8.93 -2.86
CA HIS F 84 3.56 8.58 -4.17
C HIS F 84 2.53 8.79 -5.28
N SER F 85 1.33 8.24 -5.09
CA SER F 85 0.21 8.34 -6.02
C SER F 85 -0.14 9.82 -6.24
N ALA F 86 -0.14 10.64 -5.17
CA ALA F 86 -0.45 12.07 -5.24
C ALA F 86 0.55 12.81 -6.12
N ARG F 87 1.84 12.42 -6.05
CA ARG F 87 2.93 13.01 -6.82
C ARG F 87 2.84 12.62 -8.28
N GLN F 88 2.44 11.39 -8.56
CA GLN F 88 2.24 10.87 -9.92
C GLN F 88 1.03 11.52 -10.57
N ASN F 89 0.06 11.98 -9.76
CA ASN F 89 -1.15 12.63 -10.25
C ASN F 89 -0.89 14.04 -10.77
N ILE F 90 0.21 14.69 -10.36
CA ILE F 90 0.51 16.07 -10.81
C ILE F 90 0.54 16.18 -12.35
N ARG F 91 1.24 15.22 -13.02
CA ARG F 91 1.38 15.13 -14.48
C ARG F 91 0.03 15.06 -15.21
N HIS F 92 -0.92 14.31 -14.66
CA HIS F 92 -2.23 14.08 -15.25
C HIS F 92 -3.18 15.27 -15.04
N TYR F 93 -2.78 16.20 -14.17
CA TYR F 93 -3.51 17.44 -13.89
C TYR F 93 -3.01 18.56 -14.85
N LEU F 94 -1.84 18.34 -15.49
CA LEU F 94 -1.21 19.29 -16.43
C LEU F 94 -1.52 18.90 -17.87
N VAL F 142 0.57 29.51 -15.92
CA VAL F 142 1.82 28.76 -15.98
C VAL F 142 3.00 29.48 -15.27
N PRO F 143 3.79 28.74 -14.42
CA PRO F 143 4.96 29.35 -13.77
C PRO F 143 6.00 29.77 -14.78
N LEU F 144 6.79 30.80 -14.47
CA LEU F 144 7.82 31.32 -15.39
C LEU F 144 8.98 30.34 -15.55
N ASP F 145 9.32 29.64 -14.46
CA ASP F 145 10.41 28.68 -14.37
C ASP F 145 10.41 28.09 -12.96
N GLY F 146 11.48 27.37 -12.60
CA GLY F 146 11.61 26.73 -11.29
C GLY F 146 11.75 27.68 -10.13
N ALA F 147 12.23 28.92 -10.43
CA ALA F 147 12.39 30.00 -9.44
C ALA F 147 11.05 30.66 -9.14
N ASP F 148 10.02 30.39 -9.94
CA ASP F 148 8.66 30.88 -9.76
C ASP F 148 7.81 29.78 -9.14
N THR F 149 7.60 29.84 -7.81
CA THR F 149 6.80 28.84 -7.09
C THR F 149 5.43 29.39 -6.68
N SER F 150 4.98 30.44 -7.35
CA SER F 150 3.73 31.13 -7.03
C SER F 150 2.48 30.60 -7.76
N VAL F 151 2.68 29.87 -8.87
CA VAL F 151 1.63 29.32 -9.72
C VAL F 151 1.76 27.78 -9.77
N PHE F 152 0.62 27.08 -9.98
CA PHE F 152 0.54 25.64 -10.17
C PHE F 152 1.31 25.23 -11.42
N PRO F 153 2.11 24.14 -11.42
CA PRO F 153 2.30 23.12 -10.36
C PRO F 153 3.43 23.40 -9.37
N ASN F 154 4.05 24.56 -9.47
CA ASN F 154 5.19 24.95 -8.64
C ASN F 154 4.85 25.40 -7.22
N ASN F 155 3.56 25.52 -6.86
CA ASN F 155 3.15 25.94 -5.52
C ASN F 155 2.69 24.75 -4.63
N VAL F 156 2.83 23.51 -5.12
CA VAL F 156 2.39 22.33 -4.40
C VAL F 156 3.52 21.31 -4.19
N VAL F 157 3.57 20.71 -2.98
CA VAL F 157 4.47 19.62 -2.58
C VAL F 157 3.69 18.69 -1.69
N PHE F 158 4.09 17.41 -1.66
CA PHE F 158 3.52 16.34 -0.83
C PHE F 158 4.58 15.83 0.11
N VAL F 159 4.18 15.52 1.37
CA VAL F 159 5.12 15.03 2.39
C VAL F 159 4.47 13.94 3.18
N THR F 160 5.23 12.89 3.48
CA THR F 160 4.81 11.75 4.30
C THR F 160 5.13 12.08 5.76
N GLY F 161 4.19 11.84 6.64
CA GLY F 161 4.43 12.05 8.05
C GLY F 161 3.20 11.94 8.91
N ASN F 162 3.43 11.65 10.18
CA ASN F 162 2.39 11.59 11.18
C ASN F 162 2.38 12.98 11.82
N TYR F 163 1.26 13.71 11.66
CA TYR F 163 1.12 15.05 12.22
C TYR F 163 1.03 15.02 13.76
N VAL F 164 0.67 13.88 14.33
CA VAL F 164 0.53 13.68 15.76
C VAL F 164 1.90 13.46 16.40
N LEU F 165 2.35 14.43 17.20
CA LEU F 165 3.62 14.34 17.92
C LEU F 165 3.38 13.56 19.20
N ASP F 166 4.40 12.86 19.71
CA ASP F 166 4.29 11.98 20.90
C ASP F 166 4.04 12.68 22.23
N ARG F 167 4.69 13.83 22.47
CA ARG F 167 4.60 14.55 23.74
C ARG F 167 4.14 15.99 23.57
N ASP F 168 3.63 16.60 24.66
CA ASP F 168 3.16 17.99 24.71
C ASP F 168 4.31 18.99 24.55
N ASP F 169 5.54 18.64 25.01
CA ASP F 169 6.72 19.52 24.90
C ASP F 169 7.19 19.68 23.44
N LEU F 170 6.90 18.66 22.61
CA LEU F 170 7.21 18.64 21.18
C LEU F 170 6.23 19.57 20.46
N VAL F 171 4.93 19.47 20.80
CA VAL F 171 3.86 20.31 20.24
C VAL F 171 4.17 21.81 20.50
N GLU F 172 4.70 22.13 21.69
CA GLU F 172 5.07 23.48 22.10
C GLU F 172 6.32 24.01 21.40
N ALA F 173 7.04 23.15 20.67
CA ALA F 173 8.22 23.58 19.90
C ALA F 173 7.82 24.07 18.50
N GLN F 174 6.58 23.76 18.05
CA GLN F 174 6.01 24.17 16.76
C GLN F 174 5.79 25.67 16.65
N THR F 175 6.45 26.27 15.64
CA THR F 175 6.35 27.70 15.35
C THR F 175 5.44 27.92 14.11
N PRO F 176 4.79 29.11 13.95
CA PRO F 176 3.87 29.29 12.81
C PRO F 176 4.51 29.28 11.41
N GLU F 177 3.76 28.72 10.43
CA GLU F 177 4.18 28.60 9.01
C GLU F 177 2.99 28.72 8.05
N TYR F 178 1.75 28.46 8.52
CA TYR F 178 0.59 28.47 7.60
C TYR F 178 -0.48 29.53 7.93
N ASP F 179 -1.31 29.84 6.92
CA ASP F 179 -2.43 30.79 7.02
C ASP F 179 -3.74 29.98 7.11
N VAL F 180 -3.74 28.76 6.51
CA VAL F 180 -4.89 27.84 6.44
C VAL F 180 -4.39 26.43 6.68
N VAL F 181 -5.14 25.67 7.49
CA VAL F 181 -4.92 24.27 7.73
C VAL F 181 -6.25 23.60 7.42
N LEU F 182 -6.24 22.62 6.51
CA LEU F 182 -7.41 21.83 6.15
C LEU F 182 -7.33 20.52 6.92
N CYS F 183 -8.32 20.26 7.77
CA CYS F 183 -8.42 19.04 8.57
C CYS F 183 -9.81 18.48 8.29
N LEU F 184 -9.94 17.83 7.10
CA LEU F 184 -11.19 17.30 6.58
C LEU F 184 -11.24 15.80 6.66
N SER F 185 -12.21 15.24 7.43
CA SER F 185 -12.44 13.81 7.63
C SER F 185 -11.24 13.12 8.26
N LEU F 186 -10.53 13.82 9.15
CA LEU F 186 -9.31 13.28 9.77
C LEU F 186 -9.44 12.97 11.26
N THR F 187 -10.18 13.82 12.01
CA THR F 187 -10.39 13.75 13.46
C THR F 187 -10.69 12.36 14.01
N LYS F 188 -11.57 11.57 13.34
CA LYS F 188 -11.95 10.22 13.78
C LYS F 188 -10.76 9.28 13.79
N TRP F 189 -9.99 9.27 12.68
CA TRP F 189 -8.82 8.42 12.50
C TRP F 189 -7.73 8.72 13.52
N VAL F 190 -7.52 10.00 13.82
CA VAL F 190 -6.55 10.45 14.80
C VAL F 190 -7.02 10.09 16.23
N HIS F 191 -8.33 10.26 16.50
CA HIS F 191 -8.99 10.01 17.77
C HIS F 191 -8.94 8.54 18.15
N LEU F 192 -9.24 7.66 17.20
CA LEU F 192 -9.25 6.21 17.41
C LEU F 192 -7.85 5.62 17.56
N ASN F 193 -6.89 6.09 16.76
CA ASN F 193 -5.52 5.59 16.77
C ASN F 193 -4.63 6.16 17.88
N TRP F 194 -4.85 7.43 18.28
CA TRP F 194 -4.02 8.08 19.30
C TRP F 194 -4.80 8.66 20.52
N GLY F 195 -6.11 8.41 20.61
CA GLY F 195 -6.96 8.85 21.71
C GLY F 195 -7.17 10.34 21.84
N ASP F 196 -7.83 10.77 22.94
CA ASP F 196 -8.10 12.17 23.29
C ASP F 196 -6.77 12.92 23.33
N GLU F 197 -5.77 12.32 24.00
CA GLU F 197 -4.42 12.85 24.18
C GLU F 197 -3.76 13.25 22.86
N GLY F 198 -3.82 12.36 21.87
CA GLY F 198 -3.28 12.54 20.53
C GLY F 198 -4.02 13.59 19.72
N LEU F 199 -5.37 13.58 19.79
CA LEU F 199 -6.22 14.53 19.08
C LEU F 199 -6.02 15.94 19.63
N LYS F 200 -5.89 16.07 20.95
CA LYS F 200 -5.65 17.34 21.64
C LYS F 200 -4.32 17.89 21.16
N ARG F 201 -3.32 17.01 20.98
CA ARG F 201 -1.99 17.37 20.48
C ARG F 201 -2.03 17.77 18.99
N PHE F 203 -4.80 19.17 17.46
CA PHE F 203 -5.51 20.44 17.55
C PHE F 203 -4.58 21.56 18.01
N ARG F 204 -3.80 21.32 19.10
CA ARG F 204 -2.84 22.30 19.65
C ARG F 204 -1.71 22.61 18.66
N ARG F 205 -1.26 21.56 17.92
CA ARG F 205 -0.23 21.72 16.89
C ARG F 205 -0.78 22.59 15.76
N ILE F 206 -2.02 22.32 15.26
CA ILE F 206 -2.65 23.13 14.21
C ILE F 206 -2.64 24.61 14.64
N TYR F 207 -3.09 24.89 15.87
CA TYR F 207 -3.12 26.26 16.41
C TYR F 207 -1.73 26.92 16.36
N ARG F 208 -0.70 26.22 16.88
CA ARG F 208 0.68 26.70 16.93
C ARG F 208 1.33 26.82 15.57
N HIS F 209 0.91 26.00 14.59
CA HIS F 209 1.41 26.02 13.19
C HIS F 209 0.82 27.20 12.41
N LEU F 210 -0.37 27.67 12.83
CA LEU F 210 -1.06 28.79 12.18
C LEU F 210 -0.50 30.14 12.60
N ARG F 211 -0.39 31.06 11.65
CA ARG F 211 0.07 32.42 11.92
C ARG F 211 -1.08 33.25 12.51
N PRO F 212 -0.81 34.38 13.24
CA PRO F 212 -1.94 35.21 13.73
C PRO F 212 -2.82 35.60 12.55
N GLY F 213 -4.13 35.43 12.72
CA GLY F 213 -5.10 35.70 11.66
C GLY F 213 -5.41 34.47 10.83
N GLY F 214 -4.77 33.34 11.19
CA GLY F 214 -4.93 32.05 10.51
C GLY F 214 -6.27 31.38 10.75
N ILE F 215 -6.64 30.47 9.83
CA ILE F 215 -7.89 29.69 9.92
C ILE F 215 -7.65 28.17 9.85
N LEU F 216 -8.48 27.43 10.56
CA LEU F 216 -8.52 25.98 10.53
C LEU F 216 -9.87 25.64 9.91
N VAL F 217 -9.85 24.86 8.82
CA VAL F 217 -11.06 24.37 8.17
C VAL F 217 -11.23 22.94 8.72
N LEU F 218 -12.28 22.72 9.53
CA LEU F 218 -12.54 21.43 10.15
C LEU F 218 -13.83 20.80 9.64
N GLU F 219 -13.75 19.53 9.21
CA GLU F 219 -14.90 18.72 8.77
C GLU F 219 -14.83 17.44 9.64
N PRO F 220 -15.37 17.48 10.90
CA PRO F 220 -15.25 16.30 11.77
C PRO F 220 -16.31 15.24 11.53
N GLN F 221 -15.96 13.97 11.82
CA GLN F 221 -16.90 12.85 11.73
C GLN F 221 -17.74 12.83 13.01
N PRO F 222 -19.05 12.50 12.95
CA PRO F 222 -19.85 12.44 14.19
C PRO F 222 -19.48 11.20 15.00
N TRP F 223 -19.85 11.19 16.32
CA TRP F 223 -19.57 10.09 17.24
C TRP F 223 -20.13 8.77 16.70
N SER F 224 -21.29 8.84 16.02
CA SER F 224 -22.02 7.75 15.36
C SER F 224 -21.13 6.93 14.40
N SER F 225 -20.16 7.59 13.73
CA SER F 225 -19.22 7.01 12.76
C SER F 225 -18.09 6.18 13.43
N TYR F 226 -17.83 6.43 14.72
CA TYR F 226 -16.77 5.79 15.51
C TYR F 226 -17.01 4.32 15.80
N GLY F 227 -18.25 3.98 16.20
CA GLY F 227 -18.70 2.63 16.55
C GLY F 227 -18.37 1.57 15.54
N LYS F 228 -18.73 1.80 14.27
CA LYS F 228 -18.48 0.89 13.15
C LYS F 228 -17.01 0.66 13.06
N ARG F 229 -16.57 -0.62 13.11
CA ARG F 229 -15.15 -1.02 13.03
C ARG F 229 -14.26 -0.57 14.24
N LYS F 230 -14.84 -0.50 15.45
CA LYS F 230 -14.12 -0.17 16.69
C LYS F 230 -13.22 -1.37 17.10
N THR F 231 -13.34 -2.48 16.36
CA THR F 231 -12.64 -3.74 16.62
C THR F 231 -11.50 -3.99 15.58
N LEU F 232 -11.07 -2.91 14.88
CA LEU F 232 -9.98 -2.95 13.90
C LEU F 232 -8.66 -3.34 14.61
N THR F 233 -8.30 -2.59 15.66
CA THR F 233 -7.10 -2.86 16.43
C THR F 233 -7.45 -2.87 17.92
N GLU F 234 -6.55 -3.40 18.77
CA GLU F 234 -6.75 -3.41 20.22
C GLU F 234 -6.62 -1.98 20.76
N THR F 235 -5.79 -1.18 20.09
CA THR F 235 -5.52 0.22 20.40
C THR F 235 -6.77 1.04 20.12
N ILE F 236 -7.41 0.81 18.93
CA ILE F 236 -8.64 1.49 18.49
C ILE F 236 -9.78 1.20 19.46
N TYR F 237 -9.88 -0.07 19.91
CA TYR F 237 -10.90 -0.54 20.84
C TYR F 237 -10.74 0.09 22.21
N LYS F 238 -9.52 0.11 22.76
CA LYS F 238 -9.22 0.69 24.08
C LYS F 238 -9.54 2.19 24.07
N ASN F 239 -9.23 2.86 22.95
CA ASN F 239 -9.49 4.30 22.77
C ASN F 239 -10.97 4.64 22.61
N TYR F 240 -11.75 3.82 21.86
CA TYR F 240 -13.16 4.07 21.66
C TYR F 240 -13.91 4.15 22.99
N TYR F 241 -13.49 3.34 23.98
CA TYR F 241 -14.13 3.29 25.29
C TYR F 241 -13.48 4.22 26.33
N ARG F 242 -12.36 4.84 26.00
CA ARG F 242 -11.66 5.75 26.91
C ARG F 242 -11.89 7.25 26.58
N ILE F 243 -12.39 7.55 25.35
CA ILE F 243 -12.63 8.92 24.86
C ILE F 243 -13.69 9.68 25.68
N GLN F 244 -13.36 10.93 26.07
CA GLN F 244 -14.22 11.85 26.83
C GLN F 244 -14.49 13.12 25.99
N LEU F 245 -13.50 13.57 25.18
CA LEU F 245 -13.71 14.71 24.30
C LEU F 245 -14.46 14.16 23.07
N LYS F 246 -15.77 14.36 23.02
CA LYS F 246 -16.63 13.87 21.94
C LYS F 246 -16.72 14.88 20.77
N PRO F 247 -17.00 14.46 19.50
CA PRO F 247 -17.10 15.43 18.38
C PRO F 247 -17.96 16.67 18.62
N GLU F 248 -19.07 16.48 19.35
CA GLU F 248 -20.06 17.48 19.73
C GLU F 248 -19.44 18.59 20.62
N GLN F 249 -18.32 18.28 21.31
CA GLN F 249 -17.58 19.15 22.22
C GLN F 249 -16.32 19.78 21.60
N PHE F 250 -16.01 19.43 20.32
CA PHE F 250 -14.82 19.92 19.62
C PHE F 250 -14.75 21.43 19.52
N SER F 251 -15.88 22.09 19.22
CA SER F 251 -15.94 23.55 19.08
C SER F 251 -15.56 24.29 20.36
N SER F 252 -16.06 23.81 21.51
CA SER F 252 -15.77 24.37 22.84
C SER F 252 -14.32 24.11 23.24
N TYR F 253 -13.76 22.93 22.90
CA TYR F 253 -12.37 22.61 23.24
C TYR F 253 -11.38 23.43 22.43
N LEU F 254 -11.64 23.60 21.13
CA LEU F 254 -10.78 24.35 20.23
C LEU F 254 -10.72 25.84 20.59
N THR F 255 -11.82 26.38 21.15
CA THR F 255 -11.91 27.78 21.56
C THR F 255 -11.50 27.98 23.05
N SER F 256 -11.10 26.90 23.73
CA SER F 256 -10.66 26.95 25.14
C SER F 256 -9.16 27.36 25.24
N PRO F 257 -8.65 27.80 26.44
CA PRO F 257 -7.21 28.15 26.54
C PRO F 257 -6.25 27.00 26.24
N ASP F 258 -6.74 25.73 26.31
CA ASP F 258 -5.96 24.52 26.02
C ASP F 258 -5.43 24.52 24.59
N VAL F 259 -6.24 25.03 23.63
CA VAL F 259 -5.93 25.17 22.20
C VAL F 259 -5.64 26.67 21.93
N GLY F 260 -6.68 27.51 22.00
CA GLY F 260 -6.50 28.95 21.84
C GLY F 260 -7.29 29.70 20.78
N PHE F 261 -8.10 29.02 19.93
CA PHE F 261 -8.88 29.67 18.86
C PHE F 261 -9.85 30.73 19.41
N SER F 262 -9.79 31.96 18.87
CA SER F 262 -10.58 33.12 19.29
C SER F 262 -12.08 33.00 19.01
N SER F 263 -12.47 32.37 17.89
CA SER F 263 -13.86 32.21 17.45
C SER F 263 -14.02 31.05 16.47
N TYR F 264 -15.29 30.71 16.17
CA TYR F 264 -15.62 29.67 15.19
C TYR F 264 -16.92 29.98 14.46
N GLU F 265 -17.16 29.33 13.29
CA GLU F 265 -18.36 29.50 12.48
C GLU F 265 -18.66 28.27 11.65
N LEU F 266 -19.94 28.03 11.35
CA LEU F 266 -20.40 26.92 10.54
C LEU F 266 -20.53 27.39 9.08
N VAL F 267 -20.03 26.58 8.14
CA VAL F 267 -20.07 26.87 6.70
C VAL F 267 -21.28 26.14 6.07
CA GLN F 278 -22.14 15.03 3.57
C GLN F 278 -22.11 15.26 5.08
N ARG F 279 -20.99 15.84 5.59
CA ARG F 279 -20.72 16.21 6.99
C ARG F 279 -20.60 17.75 7.13
N PRO F 280 -20.89 18.36 8.32
CA PRO F 280 -20.74 19.82 8.44
C PRO F 280 -19.29 20.29 8.46
N VAL F 281 -19.06 21.51 7.95
CA VAL F 281 -17.76 22.14 7.85
C VAL F 281 -17.73 23.42 8.72
N TYR F 282 -16.66 23.60 9.49
CA TYR F 282 -16.46 24.71 10.41
C TYR F 282 -15.15 25.46 10.13
N LEU F 283 -15.11 26.74 10.51
CA LEU F 283 -13.94 27.61 10.41
C LEU F 283 -13.58 28.08 11.81
N PHE F 284 -12.33 27.85 12.22
CA PHE F 284 -11.80 28.25 13.53
C PHE F 284 -10.78 29.35 13.30
N HIS F 285 -10.95 30.48 14.00
CA HIS F 285 -10.09 31.66 13.80
C HIS F 285 -9.03 31.90 14.88
N LYS F 286 -7.79 32.20 14.44
CA LYS F 286 -6.67 32.56 15.31
C LYS F 286 -6.55 34.09 15.29
N ALA F 287 -6.49 34.71 16.49
CA ALA F 287 -6.41 36.17 16.72
C ALA F 287 -5.27 36.83 15.96
N ARG F 288 -5.51 38.04 15.42
CA ARG F 288 -4.55 38.82 14.63
C ARG F 288 -3.47 39.51 15.46
N SER F 289 -2.31 39.78 14.82
CA SER F 289 -1.14 40.42 15.41
N UNK G 1 -11.72 -33.69 -0.29
CA UNK G 1 -12.65 -34.40 -1.16
C UNK G 1 -12.37 -34.15 -2.64
N UNK G 2 -12.46 -35.22 -3.47
CA UNK G 2 -12.23 -35.19 -4.92
C UNK G 2 -13.37 -34.47 -5.67
N UNK G 3 -13.04 -33.34 -6.31
CA UNK G 3 -13.98 -32.50 -7.06
C UNK G 3 -13.85 -32.62 -8.59
N UNK G 4 -14.93 -32.26 -9.33
CA UNK G 4 -15.00 -32.30 -10.78
N UNK H 1 -30.58 -49.34 11.43
CA UNK H 1 -29.92 -50.37 12.22
C UNK H 1 -29.24 -49.81 13.50
N UNK H 2 -29.95 -49.98 14.64
CA UNK H 2 -29.54 -49.57 15.99
C UNK H 2 -29.15 -50.79 16.82
N UNK H 3 -28.80 -50.60 18.11
CA UNK H 3 -28.43 -51.67 19.03
C UNK H 3 -29.71 -52.30 19.62
N UNK H 4 -29.77 -53.63 19.89
CA UNK H 4 -28.68 -54.58 19.72
C UNK H 4 -28.71 -55.31 18.34
N UNK H 5 -29.57 -54.84 17.40
CA UNK H 5 -29.67 -55.43 16.06
N UNK I 1 47.19 33.48 5.39
CA UNK I 1 48.04 32.34 5.02
C UNK I 1 49.21 32.15 5.98
N UNK I 2 49.74 30.89 6.06
CA UNK I 2 50.89 30.48 6.90
C UNK I 2 51.43 29.06 6.51
N UNK I 3 52.06 28.97 5.31
CA UNK I 3 52.62 27.72 4.79
C UNK I 3 53.97 27.38 5.43
N UNK I 4 54.32 26.08 5.49
CA UNK I 4 55.53 25.56 6.12
C UNK I 4 56.41 24.74 5.19
N UNK I 5 57.69 24.63 5.54
CA UNK I 5 58.72 23.92 4.78
C UNK I 5 58.98 22.50 5.30
N UNK I 6 59.90 21.77 4.63
CA UNK I 6 60.41 20.42 4.92
C UNK I 6 60.84 19.68 3.66
N UNK J 1 -26.30 5.90 -14.64
CA UNK J 1 -27.26 5.37 -15.60
C UNK J 1 -26.77 4.03 -16.15
N UNK J 2 -27.20 2.92 -15.51
CA UNK J 2 -26.80 1.54 -15.83
C UNK J 2 -27.77 0.78 -16.75
N UNK J 3 -27.22 -0.07 -17.66
CA UNK J 3 -28.00 -0.85 -18.64
C UNK J 3 -28.82 -2.00 -18.00
N UNK J 4 -30.15 -1.89 -18.09
N UNK K 1 -5.12 26.93 -14.92
CA UNK K 1 -4.71 27.22 -13.55
C UNK K 1 -5.37 28.52 -13.00
N UNK K 2 -4.65 29.34 -12.20
CA UNK K 2 -5.15 30.58 -11.58
#